data_6UZJ
#
_entry.id   6UZJ
#
_entity_poly.entity_id   1
_entity_poly.type   'polypeptide(L)'
_entity_poly.pdbx_seq_one_letter_code
;GSDITSLYKKAGSSFRLDDDGPYSGPFCGRARVHTDFTPSPYDTDSLKIKKGDIIDIICKTPMGMWTGMLNNKVGNFKFI
YVDVISE
;
_entity_poly.pdbx_strand_id   A
#
# COMPACT_ATOMS: atom_id res chain seq x y z
N GLY A 25 11.44 2.61 15.44
CA GLY A 25 10.85 1.25 15.29
C GLY A 25 10.36 1.06 13.86
N PRO A 26 9.38 1.84 13.46
CA PRO A 26 8.79 1.77 12.09
C PRO A 26 9.84 2.04 11.01
N PHE A 27 9.66 1.40 9.85
CA PHE A 27 10.60 1.57 8.75
C PHE A 27 9.91 2.25 7.57
N CYS A 28 10.62 3.17 6.93
CA CYS A 28 10.07 3.88 5.77
C CYS A 28 10.92 3.63 4.53
N GLY A 29 10.28 3.66 3.37
CA GLY A 29 10.99 3.44 2.12
C GLY A 29 10.02 3.07 1.00
N ARG A 30 10.31 1.97 0.32
CA ARG A 30 9.46 1.50 -0.77
C ARG A 30 8.74 0.21 -0.39
N ALA A 31 7.48 0.10 -0.77
CA ALA A 31 6.70 -1.09 -0.48
C ALA A 31 6.41 -1.88 -1.75
N ARG A 32 6.73 -3.16 -1.75
CA ARG A 32 6.50 -4.01 -2.91
C ARG A 32 5.29 -4.91 -2.70
N VAL A 33 4.32 -4.81 -3.60
CA VAL A 33 3.11 -5.61 -3.49
C VAL A 33 3.38 -7.04 -3.94
N HIS A 34 3.10 -8.00 -3.05
CA HIS A 34 3.30 -9.40 -3.35
C HIS A 34 1.97 -10.11 -3.61
N THR A 35 0.88 -9.46 -3.19
CA THR A 35 -0.45 -10.03 -3.38
C THR A 35 -1.38 -9.01 -4.04
N ASP A 36 -2.04 -9.43 -5.11
CA ASP A 36 -2.95 -8.55 -5.83
C ASP A 36 -4.15 -8.18 -4.94
N PHE A 37 -4.19 -6.92 -4.51
CA PHE A 37 -5.28 -6.45 -3.67
C PHE A 37 -6.06 -5.35 -4.38
N THR A 38 -7.33 -5.63 -4.68
CA THR A 38 -8.17 -4.66 -5.35
C THR A 38 -9.51 -4.52 -4.63
N PRO A 39 -9.91 -3.31 -4.32
CA PRO A 39 -11.20 -3.04 -3.63
C PRO A 39 -12.41 -3.24 -4.55
N SER A 40 -13.59 -3.29 -3.95
CA SER A 40 -14.80 -3.48 -4.73
C SER A 40 -15.08 -2.25 -5.61
N PRO A 41 -15.88 -2.42 -6.64
CA PRO A 41 -16.21 -1.31 -7.57
C PRO A 41 -16.81 -0.10 -6.85
N TYR A 42 -17.53 -0.36 -5.77
CA TYR A 42 -18.15 0.71 -4.99
C TYR A 42 -17.25 1.10 -3.82
N ASP A 43 -16.02 0.62 -3.82
CA ASP A 43 -15.08 0.95 -2.76
C ASP A 43 -14.02 1.93 -3.26
N THR A 44 -14.11 3.16 -2.79
CA THR A 44 -13.15 4.19 -3.19
C THR A 44 -12.30 4.62 -2.00
N ASP A 45 -12.65 4.15 -0.80
CA ASP A 45 -11.91 4.51 0.39
C ASP A 45 -10.59 3.73 0.46
N SER A 46 -10.41 2.80 -0.47
CA SER A 46 -9.19 2.00 -0.50
C SER A 46 -8.45 2.21 -1.81
N LEU A 47 -7.12 2.21 -1.75
CA LEU A 47 -6.31 2.39 -2.94
C LEU A 47 -6.17 1.10 -3.71
N LYS A 48 -5.94 1.21 -5.02
CA LYS A 48 -5.79 0.03 -5.86
C LYS A 48 -4.31 -0.31 -6.04
N ILE A 49 -3.96 -1.58 -5.82
CA ILE A 49 -2.58 -2.01 -5.98
C ILE A 49 -2.51 -3.33 -6.75
N LYS A 50 -1.36 -3.61 -7.33
CA LYS A 50 -1.17 -4.83 -8.09
C LYS A 50 0.18 -5.47 -7.78
N LYS A 51 0.22 -6.80 -7.78
CA LYS A 51 1.47 -7.51 -7.48
C LYS A 51 2.58 -7.05 -8.41
N GLY A 52 3.72 -6.69 -7.82
CA GLY A 52 4.86 -6.23 -8.60
C GLY A 52 4.94 -4.70 -8.60
N ASP A 53 3.84 -4.05 -8.24
CA ASP A 53 3.79 -2.60 -8.19
C ASP A 53 4.55 -2.07 -6.98
N ILE A 54 5.14 -0.88 -7.11
CA ILE A 54 5.89 -0.28 -6.02
C ILE A 54 5.15 0.93 -5.47
N ILE A 55 4.93 0.94 -4.17
CA ILE A 55 4.22 2.05 -3.53
C ILE A 55 5.11 2.73 -2.50
N ASP A 56 5.22 4.05 -2.59
CA ASP A 56 6.03 4.81 -1.65
C ASP A 56 5.32 4.96 -0.32
N ILE A 57 5.96 4.50 0.75
CA ILE A 57 5.38 4.60 2.08
C ILE A 57 5.49 6.02 2.62
N ILE A 58 4.35 6.59 3.01
CA ILE A 58 4.35 7.96 3.53
C ILE A 58 3.94 7.95 5.00
N CYS A 59 3.15 6.95 5.39
CA CYS A 59 2.68 6.86 6.77
C CYS A 59 2.07 5.49 7.03
N LYS A 60 1.94 5.13 8.31
CA LYS A 60 1.36 3.84 8.68
C LYS A 60 0.11 4.05 9.52
N THR A 61 -0.87 3.16 9.35
CA THR A 61 -2.11 3.28 10.09
C THR A 61 -2.07 2.41 11.35
N PRO A 62 -2.49 2.93 12.48
CA PRO A 62 -2.49 2.18 13.76
C PRO A 62 -3.17 0.82 13.64
N MET A 63 -4.21 0.75 12.82
CA MET A 63 -4.94 -0.49 12.62
C MET A 63 -4.00 -1.57 12.07
N GLY A 64 -3.12 -1.17 11.16
CA GLY A 64 -2.17 -2.10 10.56
C GLY A 64 -1.94 -1.77 9.09
N MET A 65 -2.96 -1.25 8.43
CA MET A 65 -2.84 -0.90 7.02
C MET A 65 -1.79 0.19 6.82
N TRP A 66 -1.11 0.13 5.68
CA TRP A 66 -0.06 1.11 5.38
C TRP A 66 -0.56 2.16 4.40
N THR A 67 0.00 3.36 4.50
CA THR A 67 -0.39 4.45 3.61
C THR A 67 0.74 4.77 2.65
N GLY A 68 0.39 4.99 1.38
CA GLY A 68 1.39 5.30 0.37
C GLY A 68 0.77 6.05 -0.80
N MET A 69 1.55 6.24 -1.86
CA MET A 69 1.08 6.96 -3.03
C MET A 69 1.22 6.09 -4.28
N LEU A 70 0.29 6.27 -5.22
CA LEU A 70 0.29 5.50 -6.45
C LEU A 70 -0.33 6.30 -7.59
N ASN A 71 0.47 6.59 -8.62
CA ASN A 71 -0.02 7.34 -9.77
C ASN A 71 -0.72 8.61 -9.31
N ASN A 72 -0.02 9.40 -8.49
CA ASN A 72 -0.60 10.65 -7.98
C ASN A 72 -1.86 10.36 -7.19
N LYS A 73 -1.96 9.15 -6.64
CA LYS A 73 -3.12 8.76 -5.85
C LYS A 73 -2.69 8.17 -4.52
N VAL A 74 -3.00 8.87 -3.44
CA VAL A 74 -2.66 8.40 -2.10
C VAL A 74 -3.85 7.73 -1.44
N GLY A 75 -3.60 6.63 -0.72
CA GLY A 75 -4.66 5.91 -0.04
C GLY A 75 -4.09 4.82 0.85
N ASN A 76 -4.98 4.06 1.48
CA ASN A 76 -4.55 2.98 2.37
C ASN A 76 -4.71 1.62 1.69
N PHE A 77 -3.86 0.68 2.06
CA PHE A 77 -3.91 -0.66 1.49
C PHE A 77 -3.51 -1.71 2.53
N LYS A 78 -3.97 -2.94 2.31
CA LYS A 78 -3.66 -4.02 3.24
C LYS A 78 -2.16 -4.35 3.23
N PHE A 79 -1.55 -4.26 4.40
CA PHE A 79 -0.13 -4.55 4.52
C PHE A 79 0.13 -6.04 4.32
N ILE A 80 -0.85 -6.86 4.67
CA ILE A 80 -0.71 -8.30 4.51
C ILE A 80 -0.48 -8.67 3.04
N TYR A 81 -0.86 -7.78 2.14
CA TYR A 81 -0.68 -8.02 0.73
C TYR A 81 0.51 -7.22 0.19
N VAL A 82 1.18 -6.50 1.07
CA VAL A 82 2.33 -5.70 0.67
C VAL A 82 3.54 -6.02 1.55
N ASP A 83 4.69 -6.15 0.93
CA ASP A 83 5.92 -6.44 1.66
C ASP A 83 6.86 -5.24 1.62
N VAL A 84 7.54 -5.00 2.73
CA VAL A 84 8.47 -3.87 2.82
C VAL A 84 9.86 -4.27 2.31
N ILE A 85 10.38 -3.51 1.36
CA ILE A 85 11.69 -3.78 0.80
C ILE A 85 12.58 -2.54 0.87
N SER A 86 13.89 -2.75 0.72
CA SER A 86 14.83 -1.64 0.76
C SER A 86 15.32 -1.29 -0.65
N GLU A 87 15.26 -0.01 -0.99
CA GLU A 87 15.70 0.45 -2.30
C GLU A 87 16.89 1.38 -2.18
N GLY A 25 10.38 -2.44 14.41
CA GLY A 25 9.75 -1.11 14.60
C GLY A 25 9.36 -0.54 13.24
N PRO A 26 8.79 0.63 13.23
CA PRO A 26 8.35 1.31 11.97
C PRO A 26 9.54 1.73 11.11
N PHE A 27 9.38 1.64 9.79
CA PHE A 27 10.44 2.00 8.87
C PHE A 27 9.88 2.70 7.64
N CYS A 28 10.52 3.77 7.21
CA CYS A 28 10.07 4.49 6.03
C CYS A 28 10.91 4.10 4.82
N GLY A 29 10.24 3.90 3.70
CA GLY A 29 10.93 3.52 2.46
C GLY A 29 9.93 3.17 1.37
N ARG A 30 10.27 2.14 0.60
CA ARG A 30 9.40 1.70 -0.51
C ARG A 30 8.76 0.36 -0.17
N ALA A 31 7.55 0.15 -0.67
CA ALA A 31 6.83 -1.10 -0.43
C ALA A 31 6.50 -1.79 -1.73
N ARG A 32 6.56 -3.12 -1.74
CA ARG A 32 6.26 -3.88 -2.94
C ARG A 32 5.09 -4.82 -2.69
N VAL A 33 4.18 -4.88 -3.65
CA VAL A 33 2.99 -5.72 -3.52
C VAL A 33 3.30 -7.15 -3.96
N HIS A 34 2.83 -8.12 -3.17
CA HIS A 34 3.06 -9.52 -3.50
C HIS A 34 1.78 -10.20 -3.99
N THR A 35 0.63 -9.55 -3.81
CA THR A 35 -0.63 -10.12 -4.24
C THR A 35 -1.53 -9.04 -4.83
N ASP A 36 -2.36 -9.43 -5.80
CA ASP A 36 -3.25 -8.48 -6.44
C ASP A 36 -4.42 -8.12 -5.53
N PHE A 37 -4.56 -6.84 -5.22
CA PHE A 37 -5.65 -6.37 -4.39
C PHE A 37 -6.51 -5.38 -5.16
N THR A 38 -7.78 -5.72 -5.36
CA THR A 38 -8.68 -4.86 -6.10
C THR A 38 -9.94 -4.57 -5.28
N PRO A 39 -9.99 -3.48 -4.55
CA PRO A 39 -11.17 -3.12 -3.70
C PRO A 39 -12.46 -3.05 -4.52
N SER A 40 -13.58 -3.40 -3.90
CA SER A 40 -14.87 -3.37 -4.58
C SER A 40 -15.29 -1.94 -4.91
N PRO A 41 -16.17 -1.76 -5.86
CA PRO A 41 -16.65 -0.39 -6.28
C PRO A 41 -17.25 0.38 -5.11
N TYR A 42 -17.82 -0.34 -4.17
CA TYR A 42 -18.44 0.29 -3.01
C TYR A 42 -17.40 1.04 -2.21
N ASP A 43 -16.13 0.65 -2.37
CA ASP A 43 -15.06 1.32 -1.65
C ASP A 43 -14.25 2.18 -2.61
N THR A 44 -14.47 3.49 -2.56
CA THR A 44 -13.74 4.40 -3.43
C THR A 44 -12.43 4.82 -2.78
N ASP A 45 -12.44 4.94 -1.46
CA ASP A 45 -11.24 5.32 -0.72
C ASP A 45 -10.13 4.28 -0.89
N SER A 46 -10.52 3.01 -0.91
CA SER A 46 -9.54 1.94 -1.05
C SER A 46 -8.81 2.05 -2.40
N LEU A 47 -7.49 1.96 -2.34
CA LEU A 47 -6.67 2.06 -3.55
C LEU A 47 -6.50 0.69 -4.20
N LYS A 48 -6.34 0.69 -5.51
CA LYS A 48 -6.15 -0.55 -6.24
C LYS A 48 -4.66 -0.80 -6.50
N ILE A 49 -4.15 -1.93 -6.05
CA ILE A 49 -2.75 -2.24 -6.24
C ILE A 49 -2.57 -3.65 -6.84
N LYS A 50 -1.42 -3.89 -7.44
CA LYS A 50 -1.14 -5.19 -8.05
C LYS A 50 0.27 -5.65 -7.71
N LYS A 51 0.42 -6.94 -7.47
CA LYS A 51 1.73 -7.49 -7.13
C LYS A 51 2.77 -7.10 -8.18
N GLY A 52 3.96 -6.75 -7.71
CA GLY A 52 5.04 -6.35 -8.60
C GLY A 52 5.18 -4.81 -8.64
N ASP A 53 4.14 -4.12 -8.21
CA ASP A 53 4.15 -2.65 -8.19
C ASP A 53 4.82 -2.13 -6.93
N ILE A 54 5.33 -0.90 -7.00
CA ILE A 54 5.98 -0.30 -5.84
C ILE A 54 5.22 0.94 -5.37
N ILE A 55 4.97 1.01 -4.07
CA ILE A 55 4.24 2.13 -3.49
C ILE A 55 5.10 2.90 -2.49
N ASP A 56 5.11 4.22 -2.62
CA ASP A 56 5.89 5.06 -1.72
C ASP A 56 5.19 5.14 -0.36
N ILE A 57 5.87 4.67 0.68
CA ILE A 57 5.30 4.68 2.03
C ILE A 57 5.20 6.12 2.54
N ILE A 58 3.98 6.52 2.89
CA ILE A 58 3.75 7.87 3.41
C ILE A 58 3.44 7.81 4.90
N CYS A 59 2.37 7.09 5.25
CA CYS A 59 1.99 6.96 6.66
C CYS A 59 1.51 5.54 6.94
N LYS A 60 1.83 5.04 8.12
CA LYS A 60 1.41 3.69 8.52
C LYS A 60 1.32 3.57 10.03
N THR A 61 0.14 3.18 10.51
CA THR A 61 -0.06 3.01 11.95
C THR A 61 0.61 1.73 12.45
N PRO A 62 0.83 1.61 13.73
CA PRO A 62 1.47 0.40 14.33
C PRO A 62 0.77 -0.88 13.90
N MET A 63 -0.55 -0.81 13.77
CA MET A 63 -1.33 -1.97 13.36
C MET A 63 -2.57 -1.54 12.60
N GLY A 64 -2.49 -1.56 11.27
CA GLY A 64 -3.61 -1.16 10.43
C GLY A 64 -3.19 -1.01 8.98
N MET A 65 -4.14 -0.62 8.13
CA MET A 65 -3.87 -0.46 6.71
C MET A 65 -2.80 0.60 6.49
N TRP A 66 -1.96 0.38 5.48
CA TRP A 66 -0.88 1.31 5.17
C TRP A 66 -1.31 2.31 4.10
N THR A 67 -0.79 3.53 4.21
CA THR A 67 -1.11 4.59 3.26
C THR A 67 0.12 4.94 2.44
N GLY A 68 -0.05 5.09 1.13
CA GLY A 68 1.06 5.42 0.25
C GLY A 68 0.56 5.99 -1.07
N MET A 69 1.48 6.17 -2.01
CA MET A 69 1.13 6.71 -3.32
C MET A 69 1.53 5.73 -4.42
N LEU A 70 0.63 5.53 -5.38
CA LEU A 70 0.90 4.62 -6.49
C LEU A 70 0.46 5.27 -7.80
N ASN A 71 1.41 5.51 -8.70
CA ASN A 71 1.08 6.10 -9.98
C ASN A 71 0.35 7.44 -9.81
N ASN A 72 0.94 8.34 -9.03
CA ASN A 72 0.34 9.65 -8.79
C ASN A 72 -1.05 9.51 -8.19
N LYS A 73 -1.25 8.50 -7.35
CA LYS A 73 -2.53 8.30 -6.71
C LYS A 73 -2.33 7.91 -5.25
N VAL A 74 -2.81 8.74 -4.33
CA VAL A 74 -2.65 8.45 -2.91
C VAL A 74 -3.90 7.78 -2.36
N GLY A 75 -3.70 6.67 -1.66
CA GLY A 75 -4.82 5.92 -1.09
C GLY A 75 -4.35 4.91 -0.05
N ASN A 76 -5.30 4.10 0.43
CA ASN A 76 -4.98 3.08 1.44
C ASN A 76 -5.03 1.68 0.84
N PHE A 77 -4.33 0.75 1.48
CA PHE A 77 -4.29 -0.62 1.02
C PHE A 77 -3.90 -1.57 2.14
N LYS A 78 -4.23 -2.86 1.97
CA LYS A 78 -3.92 -3.84 3.00
C LYS A 78 -2.41 -4.10 3.07
N PHE A 79 -1.82 -3.79 4.21
CA PHE A 79 -0.40 -4.00 4.41
C PHE A 79 -0.05 -5.49 4.31
N ILE A 80 -1.01 -6.34 4.69
CA ILE A 80 -0.79 -7.78 4.63
C ILE A 80 -0.57 -8.23 3.19
N TYR A 81 -0.96 -7.39 2.25
CA TYR A 81 -0.79 -7.71 0.82
C TYR A 81 0.42 -6.97 0.25
N VAL A 82 1.16 -6.26 1.11
CA VAL A 82 2.34 -5.53 0.66
C VAL A 82 3.49 -5.81 1.61
N ASP A 83 4.71 -5.56 1.14
CA ASP A 83 5.90 -5.79 1.95
C ASP A 83 6.77 -4.54 1.98
N VAL A 84 7.40 -4.30 3.12
CA VAL A 84 8.27 -3.14 3.28
C VAL A 84 9.72 -3.51 2.97
N ILE A 85 10.34 -2.73 2.08
CA ILE A 85 11.73 -2.98 1.70
C ILE A 85 12.57 -1.72 1.87
N SER A 86 13.88 -1.89 1.98
CA SER A 86 14.79 -0.76 2.13
C SER A 86 14.88 0.04 0.83
N GLU A 87 15.00 1.35 0.95
CA GLU A 87 15.10 2.22 -0.21
C GLU A 87 13.90 2.01 -1.13
N GLY A 25 9.08 3.81 15.46
CA GLY A 25 10.07 4.59 14.68
C GLY A 25 10.27 3.93 13.32
N PRO A 26 9.25 3.92 12.50
CA PRO A 26 9.30 3.32 11.14
C PRO A 26 10.17 4.14 10.18
N PHE A 27 10.72 3.47 9.18
CA PHE A 27 11.57 4.15 8.21
C PHE A 27 10.92 4.14 6.83
N CYS A 28 10.93 5.29 6.16
CA CYS A 28 10.33 5.41 4.84
C CYS A 28 11.12 4.58 3.84
N GLY A 29 10.44 4.12 2.81
CA GLY A 29 11.08 3.31 1.77
C GLY A 29 10.08 2.90 0.70
N ARG A 30 10.36 1.79 0.02
CA ARG A 30 9.48 1.31 -1.04
C ARG A 30 8.82 0.00 -0.63
N ALA A 31 7.54 -0.15 -0.97
CA ALA A 31 6.82 -1.37 -0.63
C ALA A 31 6.43 -2.12 -1.89
N ARG A 32 6.95 -3.33 -2.03
CA ARG A 32 6.64 -4.15 -3.20
C ARG A 32 5.43 -5.04 -2.93
N VAL A 33 4.43 -4.94 -3.79
CA VAL A 33 3.22 -5.73 -3.64
C VAL A 33 3.42 -7.13 -4.22
N HIS A 34 3.09 -8.14 -3.42
CA HIS A 34 3.23 -9.52 -3.87
C HIS A 34 1.87 -10.15 -4.16
N THR A 35 0.81 -9.53 -3.62
CA THR A 35 -0.54 -10.04 -3.84
C THR A 35 -1.41 -8.95 -4.45
N ASP A 36 -2.18 -9.32 -5.47
CA ASP A 36 -3.05 -8.36 -6.14
C ASP A 36 -4.28 -8.06 -5.28
N PHE A 37 -4.39 -6.82 -4.82
CA PHE A 37 -5.51 -6.42 -3.99
C PHE A 37 -6.30 -5.31 -4.68
N THR A 38 -7.60 -5.54 -4.84
CA THR A 38 -8.44 -4.55 -5.49
C THR A 38 -9.72 -4.31 -4.68
N PRO A 39 -10.10 -3.07 -4.47
CA PRO A 39 -11.33 -2.72 -3.70
C PRO A 39 -12.61 -3.01 -4.48
N SER A 40 -13.74 -2.99 -3.77
CA SER A 40 -15.01 -3.27 -4.40
C SER A 40 -15.34 -2.20 -5.44
N PRO A 41 -16.16 -2.51 -6.41
CA PRO A 41 -16.55 -1.56 -7.49
C PRO A 41 -17.20 -0.30 -6.93
N TYR A 42 -17.83 -0.41 -5.77
CA TYR A 42 -18.48 0.74 -5.14
C TYR A 42 -17.60 1.33 -4.06
N ASP A 43 -16.29 1.09 -4.16
CA ASP A 43 -15.35 1.62 -3.19
C ASP A 43 -14.41 2.63 -3.85
N THR A 44 -14.54 3.89 -3.44
CA THR A 44 -13.69 4.94 -4.00
C THR A 44 -12.71 5.46 -2.96
N ASP A 45 -12.97 5.14 -1.70
CA ASP A 45 -12.10 5.57 -0.61
C ASP A 45 -10.98 4.55 -0.37
N SER A 46 -10.83 3.61 -1.29
CA SER A 46 -9.81 2.59 -1.17
C SER A 46 -8.81 2.69 -2.32
N LEU A 47 -7.61 2.16 -2.12
CA LEU A 47 -6.58 2.21 -3.14
C LEU A 47 -6.43 0.82 -3.80
N LYS A 48 -6.31 0.82 -5.13
CA LYS A 48 -6.15 -0.43 -5.86
C LYS A 48 -4.68 -0.70 -6.14
N ILE A 49 -4.20 -1.86 -5.73
CA ILE A 49 -2.80 -2.22 -5.94
C ILE A 49 -2.70 -3.60 -6.61
N LYS A 50 -1.57 -3.86 -7.26
CA LYS A 50 -1.36 -5.13 -7.93
C LYS A 50 0.07 -5.63 -7.69
N LYS A 51 0.27 -6.93 -7.90
CA LYS A 51 1.58 -7.52 -7.70
C LYS A 51 2.60 -6.92 -8.67
N GLY A 52 3.79 -6.63 -8.16
CA GLY A 52 4.85 -6.04 -8.98
C GLY A 52 4.81 -4.51 -8.91
N ASP A 53 3.73 -3.97 -8.34
CA ASP A 53 3.60 -2.52 -8.22
C ASP A 53 4.42 -2.01 -7.03
N ILE A 54 4.91 -0.78 -7.14
CA ILE A 54 5.71 -0.19 -6.08
C ILE A 54 4.95 0.95 -5.42
N ILE A 55 4.85 0.89 -4.09
CA ILE A 55 4.13 1.91 -3.33
C ILE A 55 5.09 2.67 -2.43
N ASP A 56 4.97 3.99 -2.44
CA ASP A 56 5.84 4.83 -1.60
C ASP A 56 5.31 4.89 -0.17
N ILE A 57 6.05 4.29 0.76
CA ILE A 57 5.64 4.28 2.17
C ILE A 57 5.60 5.69 2.72
N ILE A 58 4.50 6.04 3.38
CA ILE A 58 4.34 7.36 3.97
C ILE A 58 4.34 7.29 5.48
N CYS A 59 3.30 6.63 6.03
CA CYS A 59 3.19 6.49 7.47
C CYS A 59 2.39 5.24 7.82
N LYS A 60 2.84 4.53 8.86
CA LYS A 60 2.16 3.31 9.28
C LYS A 60 1.14 3.63 10.35
N THR A 61 0.10 2.80 10.46
CA THR A 61 -0.93 3.02 11.45
C THR A 61 -1.11 1.77 12.33
N PRO A 62 -1.54 1.94 13.55
CA PRO A 62 -1.76 0.82 14.51
C PRO A 62 -2.86 -0.13 14.04
N MET A 63 -3.69 0.35 13.13
CA MET A 63 -4.78 -0.47 12.60
C MET A 63 -4.23 -1.70 11.89
N GLY A 64 -3.10 -1.52 11.19
CA GLY A 64 -2.48 -2.62 10.48
C GLY A 64 -2.27 -2.28 9.00
N MET A 65 -3.29 -1.68 8.40
CA MET A 65 -3.20 -1.31 6.99
C MET A 65 -2.08 -0.30 6.78
N TRP A 66 -1.37 -0.43 5.67
CA TRP A 66 -0.27 0.48 5.35
C TRP A 66 -0.72 1.59 4.43
N THR A 67 -0.11 2.77 4.60
CA THR A 67 -0.46 3.93 3.79
C THR A 67 0.71 4.27 2.87
N GLY A 68 0.41 4.59 1.62
CA GLY A 68 1.45 4.95 0.66
C GLY A 68 0.88 5.76 -0.49
N MET A 69 1.70 6.00 -1.51
CA MET A 69 1.27 6.77 -2.67
C MET A 69 1.39 5.93 -3.93
N LEU A 70 0.41 6.07 -4.81
CA LEU A 70 0.39 5.33 -6.07
C LEU A 70 -0.20 6.18 -7.20
N ASN A 71 0.63 6.49 -8.19
CA ASN A 71 0.18 7.29 -9.33
C ASN A 71 -0.46 8.58 -8.85
N ASN A 72 0.24 9.30 -7.98
CA ASN A 72 -0.27 10.56 -7.46
C ASN A 72 -1.57 10.33 -6.69
N LYS A 73 -1.71 9.14 -6.12
CA LYS A 73 -2.91 8.81 -5.36
C LYS A 73 -2.53 8.08 -4.07
N VAL A 74 -2.81 8.70 -2.93
CA VAL A 74 -2.49 8.09 -1.64
C VAL A 74 -3.71 7.40 -1.06
N GLY A 75 -3.48 6.25 -0.42
CA GLY A 75 -4.57 5.50 0.18
C GLY A 75 -4.04 4.36 1.04
N ASN A 76 -4.95 3.57 1.59
CA ASN A 76 -4.57 2.44 2.43
C ASN A 76 -4.71 1.13 1.67
N PHE A 77 -4.00 0.11 2.13
CA PHE A 77 -4.04 -1.20 1.50
C PHE A 77 -3.68 -2.31 2.49
N LYS A 78 -4.04 -3.53 2.15
CA LYS A 78 -3.77 -4.67 3.03
C LYS A 78 -2.27 -4.86 3.22
N PHE A 79 -1.83 -4.72 4.46
CA PHE A 79 -0.42 -4.87 4.79
C PHE A 79 0.03 -6.30 4.46
N ILE A 80 -0.90 -7.23 4.43
CA ILE A 80 -0.58 -8.62 4.13
C ILE A 80 -0.25 -8.79 2.64
N TYR A 81 -0.99 -8.09 1.80
CA TYR A 81 -0.78 -8.16 0.36
C TYR A 81 0.40 -7.28 -0.05
N VAL A 82 0.82 -6.40 0.85
CA VAL A 82 1.94 -5.51 0.57
C VAL A 82 3.14 -5.86 1.45
N ASP A 83 4.32 -5.86 0.84
CA ASP A 83 5.54 -6.19 1.57
C ASP A 83 6.52 -5.03 1.52
N VAL A 84 7.32 -4.91 2.56
CA VAL A 84 8.31 -3.83 2.64
C VAL A 84 9.63 -4.28 1.99
N ILE A 85 10.18 -3.43 1.13
CA ILE A 85 11.42 -3.75 0.45
C ILE A 85 12.59 -2.98 1.06
N SER A 86 13.76 -3.60 1.08
CA SER A 86 14.95 -2.96 1.63
C SER A 86 15.56 -2.00 0.60
N GLU A 87 16.16 -0.93 1.10
CA GLU A 87 16.78 0.06 0.22
C GLU A 87 18.04 0.63 0.86
N GLY A 25 8.06 -2.23 15.91
CA GLY A 25 9.27 -1.55 15.39
C GLY A 25 9.10 -1.28 13.89
N PRO A 26 8.28 -0.32 13.56
CA PRO A 26 8.01 0.06 12.14
C PRO A 26 9.21 0.74 11.49
N PHE A 27 9.34 0.56 10.19
CA PHE A 27 10.46 1.16 9.45
C PHE A 27 9.95 1.84 8.18
N CYS A 28 10.66 2.88 7.74
CA CYS A 28 10.27 3.59 6.53
C CYS A 28 11.22 3.26 5.38
N GLY A 29 10.68 3.16 4.18
CA GLY A 29 11.47 2.84 3.01
C GLY A 29 10.61 2.72 1.76
N ARG A 30 10.68 1.57 1.10
CA ARG A 30 9.90 1.34 -0.10
C ARG A 30 8.98 0.12 0.07
N ALA A 31 7.73 0.26 -0.31
CA ALA A 31 6.77 -0.83 -0.18
C ALA A 31 6.49 -1.47 -1.54
N ARG A 32 6.75 -2.77 -1.64
CA ARG A 32 6.52 -3.49 -2.89
C ARG A 32 5.28 -4.38 -2.79
N VAL A 33 4.38 -4.23 -3.74
CA VAL A 33 3.14 -5.01 -3.74
C VAL A 33 3.40 -6.40 -4.33
N HIS A 34 3.05 -7.42 -3.57
CA HIS A 34 3.24 -8.80 -4.01
C HIS A 34 1.89 -9.51 -4.16
N THR A 35 0.84 -8.90 -3.61
CA THR A 35 -0.49 -9.49 -3.66
C THR A 35 -1.48 -8.50 -4.26
N ASP A 36 -2.31 -8.98 -5.19
CA ASP A 36 -3.29 -8.12 -5.84
C ASP A 36 -4.38 -7.73 -4.84
N PHE A 37 -4.57 -6.42 -4.68
CA PHE A 37 -5.59 -5.92 -3.77
C PHE A 37 -6.98 -6.16 -4.35
N THR A 38 -7.92 -6.59 -3.50
CA THR A 38 -9.27 -6.85 -3.95
C THR A 38 -10.27 -5.97 -3.19
N PRO A 39 -10.60 -4.83 -3.74
CA PRO A 39 -11.55 -3.88 -3.11
C PRO A 39 -13.00 -4.36 -3.19
N SER A 40 -13.81 -3.95 -2.23
CA SER A 40 -15.21 -4.34 -2.19
C SER A 40 -16.01 -3.54 -3.21
N PRO A 41 -17.16 -4.03 -3.58
CA PRO A 41 -18.04 -3.34 -4.58
C PRO A 41 -18.37 -1.92 -4.14
N TYR A 42 -18.57 -1.73 -2.83
CA TYR A 42 -18.89 -0.40 -2.31
C TYR A 42 -17.62 0.36 -1.93
N ASP A 43 -16.48 -0.13 -2.42
CA ASP A 43 -15.21 0.52 -2.13
C ASP A 43 -14.67 1.20 -3.39
N THR A 44 -14.96 2.50 -3.53
CA THR A 44 -14.49 3.26 -4.68
C THR A 44 -13.33 4.16 -4.30
N ASP A 45 -13.22 4.48 -3.02
CA ASP A 45 -12.12 5.31 -2.54
C ASP A 45 -10.90 4.46 -2.21
N SER A 46 -10.97 3.17 -2.53
CA SER A 46 -9.85 2.28 -2.26
C SER A 46 -8.70 2.57 -3.21
N LEU A 47 -7.50 2.12 -2.82
CA LEU A 47 -6.31 2.35 -3.64
C LEU A 47 -6.10 1.18 -4.60
N LYS A 48 -5.77 1.49 -5.84
CA LYS A 48 -5.54 0.46 -6.85
C LYS A 48 -4.05 0.09 -6.92
N ILE A 49 -3.75 -1.18 -6.73
CA ILE A 49 -2.37 -1.65 -6.78
C ILE A 49 -2.27 -2.98 -7.52
N LYS A 50 -1.08 -3.31 -7.99
CA LYS A 50 -0.87 -4.57 -8.69
C LYS A 50 0.50 -5.14 -8.36
N LYS A 51 0.57 -6.47 -8.24
CA LYS A 51 1.83 -7.12 -7.91
C LYS A 51 2.95 -6.63 -8.83
N GLY A 52 4.10 -6.32 -8.24
CA GLY A 52 5.23 -5.83 -9.01
C GLY A 52 5.33 -4.31 -8.93
N ASP A 53 4.22 -3.67 -8.58
CA ASP A 53 4.20 -2.22 -8.46
C ASP A 53 4.92 -1.76 -7.21
N ILE A 54 5.44 -0.53 -7.24
CA ILE A 54 6.16 0.02 -6.09
C ILE A 54 5.39 1.20 -5.51
N ILE A 55 5.13 1.14 -4.21
CA ILE A 55 4.40 2.21 -3.52
C ILE A 55 5.31 2.96 -2.56
N ASP A 56 5.25 4.29 -2.62
CA ASP A 56 6.07 5.11 -1.74
C ASP A 56 5.46 5.20 -0.35
N ILE A 57 6.14 4.61 0.63
CA ILE A 57 5.65 4.61 2.00
C ILE A 57 5.60 6.05 2.53
N ILE A 58 4.42 6.46 2.99
CA ILE A 58 4.25 7.80 3.54
C ILE A 58 4.11 7.75 5.05
N CYS A 59 3.15 6.96 5.53
CA CYS A 59 2.92 6.83 6.96
C CYS A 59 2.11 5.58 7.27
N LYS A 60 1.99 5.26 8.55
CA LYS A 60 1.24 4.08 8.97
C LYS A 60 0.03 4.47 9.80
N THR A 61 -1.05 3.72 9.66
CA THR A 61 -2.27 4.01 10.39
C THR A 61 -2.41 3.08 11.59
N PRO A 62 -3.12 3.50 12.59
CA PRO A 62 -3.35 2.70 13.84
C PRO A 62 -4.11 1.41 13.55
N MET A 63 -4.84 1.39 12.45
CA MET A 63 -5.60 0.21 12.06
C MET A 63 -4.69 -0.88 11.50
N GLY A 64 -3.44 -0.51 11.23
CA GLY A 64 -2.46 -1.44 10.69
C GLY A 64 -2.24 -1.19 9.21
N MET A 65 -3.23 -0.60 8.55
CA MET A 65 -3.11 -0.31 7.12
C MET A 65 -1.98 0.68 6.87
N TRP A 66 -1.33 0.54 5.72
CA TRP A 66 -0.22 1.42 5.37
C TRP A 66 -0.65 2.45 4.34
N THR A 67 -0.12 3.66 4.46
CA THR A 67 -0.45 4.73 3.52
C THR A 67 0.75 5.01 2.63
N GLY A 68 0.49 5.12 1.32
CA GLY A 68 1.55 5.38 0.36
C GLY A 68 1.03 6.15 -0.85
N MET A 69 1.91 6.43 -1.80
CA MET A 69 1.54 7.16 -3.00
C MET A 69 1.74 6.29 -4.25
N LEU A 70 0.83 6.43 -5.22
CA LEU A 70 0.94 5.67 -6.44
C LEU A 70 0.51 6.51 -7.62
N ASN A 71 1.45 6.76 -8.55
CA ASN A 71 1.16 7.55 -9.74
C ASN A 71 0.31 8.77 -9.38
N ASN A 72 0.79 9.59 -8.47
CA ASN A 72 0.05 10.77 -8.03
C ASN A 72 -1.28 10.38 -7.42
N LYS A 73 -1.28 9.29 -6.65
CA LYS A 73 -2.51 8.84 -6.01
C LYS A 73 -2.19 8.30 -4.61
N VAL A 74 -2.60 9.05 -3.58
CA VAL A 74 -2.34 8.63 -2.21
C VAL A 74 -3.57 7.96 -1.61
N GLY A 75 -3.36 6.78 -1.02
CA GLY A 75 -4.46 6.04 -0.41
C GLY A 75 -3.93 4.96 0.53
N ASN A 76 -4.85 4.20 1.12
CA ASN A 76 -4.48 3.15 2.05
C ASN A 76 -4.53 1.78 1.35
N PHE A 77 -3.84 0.80 1.93
CA PHE A 77 -3.83 -0.54 1.36
C PHE A 77 -3.44 -1.57 2.42
N LYS A 78 -3.80 -2.83 2.18
CA LYS A 78 -3.49 -3.89 3.13
C LYS A 78 -1.98 -4.10 3.22
N PHE A 79 -1.41 -3.79 4.39
CA PHE A 79 0.02 -3.95 4.60
C PHE A 79 0.43 -5.41 4.38
N ILE A 80 -0.54 -6.32 4.53
CA ILE A 80 -0.26 -7.74 4.34
C ILE A 80 0.04 -8.03 2.87
N TYR A 81 -0.69 -7.36 1.98
CA TYR A 81 -0.51 -7.56 0.54
C TYR A 81 0.75 -6.86 0.06
N VAL A 82 1.39 -6.12 0.96
CA VAL A 82 2.60 -5.40 0.60
C VAL A 82 3.73 -5.73 1.57
N ASP A 83 4.95 -5.37 1.20
CA ASP A 83 6.11 -5.63 2.04
C ASP A 83 7.17 -4.56 1.84
N VAL A 84 8.07 -4.43 2.82
CA VAL A 84 9.13 -3.43 2.72
C VAL A 84 10.40 -4.05 2.14
N ILE A 85 10.95 -3.40 1.12
CA ILE A 85 12.17 -3.89 0.48
C ILE A 85 13.24 -2.82 0.47
N SER A 86 14.50 -3.24 0.30
CA SER A 86 15.61 -2.29 0.27
C SER A 86 16.12 -2.11 -1.17
N GLU A 87 16.12 -0.88 -1.64
CA GLU A 87 16.59 -0.59 -3.00
C GLU A 87 18.09 -0.27 -2.99
N GLY A 25 12.68 -1.41 14.85
CA GLY A 25 11.66 -0.33 14.79
C GLY A 25 11.06 -0.27 13.39
N PRO A 26 10.11 0.61 13.19
CA PRO A 26 9.43 0.78 11.87
C PRO A 26 10.42 1.14 10.76
N PHE A 27 10.20 0.59 9.58
CA PHE A 27 11.06 0.86 8.44
C PHE A 27 10.34 1.66 7.38
N CYS A 28 11.04 2.61 6.78
CA CYS A 28 10.44 3.45 5.74
C CYS A 28 11.20 3.28 4.43
N GLY A 29 10.51 3.50 3.33
CA GLY A 29 11.13 3.37 2.01
C GLY A 29 10.09 3.01 0.96
N ARG A 30 10.33 1.91 0.26
CA ARG A 30 9.41 1.46 -0.79
C ARG A 30 8.71 0.18 -0.37
N ALA A 31 7.47 0.03 -0.80
CA ALA A 31 6.71 -1.17 -0.46
C ALA A 31 6.33 -1.96 -1.71
N ARG A 32 6.90 -3.15 -1.83
CA ARG A 32 6.61 -4.00 -2.98
C ARG A 32 5.37 -4.86 -2.72
N VAL A 33 4.43 -4.81 -3.67
CA VAL A 33 3.18 -5.57 -3.53
C VAL A 33 3.36 -7.01 -4.02
N HIS A 34 2.90 -7.96 -3.22
CA HIS A 34 2.99 -9.37 -3.58
C HIS A 34 1.62 -10.00 -3.79
N THR A 35 0.58 -9.29 -3.33
CA THR A 35 -0.78 -9.79 -3.47
C THR A 35 -1.67 -8.72 -4.10
N ASP A 36 -2.45 -9.13 -5.10
CA ASP A 36 -3.33 -8.19 -5.79
C ASP A 36 -4.43 -7.70 -4.85
N PHE A 37 -4.83 -6.44 -5.01
CA PHE A 37 -5.88 -5.88 -4.17
C PHE A 37 -7.22 -5.92 -4.90
N THR A 38 -8.26 -6.36 -4.19
CA THR A 38 -9.59 -6.43 -4.78
C THR A 38 -10.58 -5.57 -4.01
N PRO A 39 -10.79 -4.34 -4.42
CA PRO A 39 -11.74 -3.41 -3.73
C PRO A 39 -13.20 -3.75 -4.03
N SER A 40 -14.08 -3.40 -3.10
CA SER A 40 -15.51 -3.67 -3.29
C SER A 40 -16.11 -2.75 -4.35
N PRO A 41 -17.22 -3.13 -4.93
CA PRO A 41 -17.90 -2.31 -5.98
C PRO A 41 -18.16 -0.88 -5.53
N TYR A 42 -18.49 -0.73 -4.25
CA TYR A 42 -18.76 0.60 -3.69
C TYR A 42 -17.53 1.14 -2.97
N ASP A 43 -16.37 0.55 -3.24
CA ASP A 43 -15.14 0.98 -2.59
C ASP A 43 -14.37 1.95 -3.50
N THR A 44 -14.69 3.23 -3.39
CA THR A 44 -14.01 4.24 -4.21
C THR A 44 -12.82 4.82 -3.47
N ASP A 45 -12.88 4.78 -2.14
CA ASP A 45 -11.79 5.30 -1.33
C ASP A 45 -10.64 4.31 -1.25
N SER A 46 -10.82 3.13 -1.85
CA SER A 46 -9.78 2.11 -1.85
C SER A 46 -8.77 2.37 -2.96
N LEU A 47 -7.50 2.16 -2.66
CA LEU A 47 -6.44 2.36 -3.65
C LEU A 47 -6.26 1.10 -4.49
N LYS A 48 -5.93 1.27 -5.75
CA LYS A 48 -5.73 0.14 -6.65
C LYS A 48 -4.24 -0.21 -6.74
N ILE A 49 -3.91 -1.46 -6.50
CA ILE A 49 -2.52 -1.90 -6.56
C ILE A 49 -2.43 -3.32 -7.12
N LYS A 50 -1.32 -3.61 -7.80
CA LYS A 50 -1.12 -4.94 -8.37
C LYS A 50 0.27 -5.46 -8.03
N LYS A 51 0.37 -6.78 -7.84
CA LYS A 51 1.66 -7.39 -7.50
C LYS A 51 2.74 -6.91 -8.44
N GLY A 52 3.91 -6.63 -7.87
CA GLY A 52 5.05 -6.15 -8.66
C GLY A 52 5.10 -4.62 -8.68
N ASP A 53 4.01 -3.98 -8.25
CA ASP A 53 3.95 -2.52 -8.21
C ASP A 53 4.73 -1.98 -7.02
N ILE A 54 5.26 -0.78 -7.16
CA ILE A 54 6.02 -0.15 -6.08
C ILE A 54 5.29 1.08 -5.56
N ILE A 55 5.08 1.12 -4.25
CA ILE A 55 4.39 2.23 -3.62
C ILE A 55 5.29 2.94 -2.62
N ASP A 56 5.31 4.26 -2.70
CA ASP A 56 6.14 5.05 -1.79
C ASP A 56 5.47 5.17 -0.44
N ILE A 57 6.16 4.72 0.61
CA ILE A 57 5.61 4.77 1.96
C ILE A 57 5.54 6.21 2.44
N ILE A 58 4.32 6.66 2.76
CA ILE A 58 4.12 8.02 3.24
C ILE A 58 3.76 8.02 4.72
N CYS A 59 2.78 7.19 5.08
CA CYS A 59 2.34 7.09 6.48
C CYS A 59 2.05 5.64 6.84
N LYS A 60 2.22 5.32 8.11
CA LYS A 60 1.97 3.95 8.57
C LYS A 60 0.97 3.97 9.73
N THR A 61 0.17 2.92 9.83
CA THR A 61 -0.81 2.83 10.89
C THR A 61 -0.58 1.54 11.70
N PRO A 62 -0.27 1.63 12.98
CA PRO A 62 -0.02 0.42 13.83
C PRO A 62 -1.18 -0.58 13.72
N MET A 63 -0.83 -1.83 13.40
CA MET A 63 -1.84 -2.89 13.28
C MET A 63 -3.02 -2.41 12.44
N GLY A 64 -2.71 -1.68 11.36
CA GLY A 64 -3.75 -1.17 10.48
C GLY A 64 -3.23 -1.00 9.05
N MET A 65 -4.12 -0.61 8.16
CA MET A 65 -3.76 -0.43 6.76
C MET A 65 -2.66 0.62 6.62
N TRP A 66 -1.81 0.44 5.61
CA TRP A 66 -0.72 1.37 5.37
C TRP A 66 -1.11 2.41 4.33
N THR A 67 -0.40 3.54 4.34
CA THR A 67 -0.66 4.63 3.41
C THR A 67 0.57 4.89 2.54
N GLY A 68 0.33 5.11 1.26
CA GLY A 68 1.43 5.38 0.34
C GLY A 68 0.92 6.05 -0.94
N MET A 69 1.80 6.16 -1.93
CA MET A 69 1.44 6.79 -3.19
C MET A 69 1.73 5.85 -4.36
N LEU A 70 0.79 5.77 -5.30
CA LEU A 70 0.95 4.92 -6.47
C LEU A 70 0.48 5.63 -7.73
N ASN A 71 1.39 5.81 -8.69
CA ASN A 71 1.03 6.47 -9.93
C ASN A 71 0.37 7.82 -9.66
N ASN A 72 1.03 8.64 -8.86
CA ASN A 72 0.50 9.96 -8.54
C ASN A 72 -0.88 9.84 -7.88
N LYS A 73 -1.05 8.80 -7.07
CA LYS A 73 -2.32 8.60 -6.38
C LYS A 73 -2.07 8.14 -4.95
N VAL A 74 -2.44 8.99 -3.98
CA VAL A 74 -2.25 8.65 -2.57
C VAL A 74 -3.50 8.03 -2.00
N GLY A 75 -3.35 6.86 -1.37
CA GLY A 75 -4.49 6.17 -0.78
C GLY A 75 -4.02 5.09 0.20
N ASN A 76 -4.98 4.38 0.78
CA ASN A 76 -4.66 3.33 1.74
C ASN A 76 -4.74 1.96 1.09
N PHE A 77 -4.05 0.99 1.69
CA PHE A 77 -4.03 -0.37 1.16
C PHE A 77 -3.71 -1.37 2.26
N LYS A 78 -4.05 -2.63 2.01
CA LYS A 78 -3.79 -3.68 2.99
C LYS A 78 -2.31 -4.02 3.04
N PHE A 79 -1.74 -3.89 4.23
CA PHE A 79 -0.32 -4.17 4.41
C PHE A 79 -0.05 -5.66 4.25
N ILE A 80 -1.05 -6.50 4.55
CA ILE A 80 -0.89 -7.94 4.41
C ILE A 80 -0.65 -8.34 2.95
N TYR A 81 -1.01 -7.45 2.03
CA TYR A 81 -0.81 -7.70 0.62
C TYR A 81 0.41 -6.95 0.08
N VAL A 82 1.14 -6.30 0.97
CA VAL A 82 2.32 -5.56 0.57
C VAL A 82 3.48 -5.86 1.51
N ASP A 83 4.69 -5.73 0.99
CA ASP A 83 5.88 -5.96 1.79
C ASP A 83 6.66 -4.67 2.00
N VAL A 84 7.07 -4.44 3.24
CA VAL A 84 7.83 -3.23 3.57
C VAL A 84 9.30 -3.39 3.18
N ILE A 85 9.80 -2.45 2.39
CA ILE A 85 11.19 -2.50 1.94
C ILE A 85 11.92 -1.22 2.35
N SER A 86 13.13 -1.39 2.90
CA SER A 86 13.92 -0.26 3.33
C SER A 86 14.36 0.58 2.12
N GLU A 87 14.40 1.89 2.30
CA GLU A 87 14.81 2.79 1.22
C GLU A 87 14.08 2.44 -0.08
N GLY A 25 9.99 5.22 15.28
CA GLY A 25 9.35 3.88 15.23
C GLY A 25 9.11 3.48 13.78
N PRO A 26 8.20 4.15 13.13
CA PRO A 26 7.85 3.85 11.70
C PRO A 26 9.07 4.01 10.78
N PHE A 27 9.14 3.15 9.76
CA PHE A 27 10.25 3.19 8.82
C PHE A 27 9.76 3.60 7.43
N CYS A 28 10.61 4.33 6.71
CA CYS A 28 10.26 4.79 5.37
C CYS A 28 11.09 4.06 4.33
N GLY A 29 10.43 3.61 3.26
CA GLY A 29 11.11 2.88 2.19
C GLY A 29 10.15 2.59 1.04
N ARG A 30 10.43 1.52 0.31
CA ARG A 30 9.59 1.14 -0.82
C ARG A 30 8.87 -0.17 -0.53
N ALA A 31 7.63 -0.27 -1.01
CA ALA A 31 6.84 -1.47 -0.79
C ALA A 31 6.49 -2.12 -2.13
N ARG A 32 6.70 -3.44 -2.22
CA ARG A 32 6.41 -4.16 -3.45
C ARG A 32 5.22 -5.08 -3.26
N VAL A 33 4.30 -5.04 -4.21
CA VAL A 33 3.10 -5.87 -4.14
C VAL A 33 3.37 -7.24 -4.72
N HIS A 34 2.95 -8.27 -3.99
CA HIS A 34 3.15 -9.65 -4.44
C HIS A 34 1.81 -10.35 -4.65
N THR A 35 0.72 -9.70 -4.27
CA THR A 35 -0.61 -10.27 -4.42
C THR A 35 -1.55 -9.28 -5.09
N ASP A 36 -2.62 -9.79 -5.68
CA ASP A 36 -3.59 -8.93 -6.35
C ASP A 36 -4.69 -8.52 -5.39
N PHE A 37 -4.63 -7.27 -4.92
CA PHE A 37 -5.64 -6.76 -3.99
C PHE A 37 -6.37 -5.58 -4.58
N THR A 38 -7.69 -5.71 -4.71
CA THR A 38 -8.49 -4.63 -5.27
C THR A 38 -9.69 -4.32 -4.36
N PRO A 39 -10.03 -3.07 -4.19
CA PRO A 39 -11.18 -2.65 -3.33
C PRO A 39 -12.52 -2.93 -3.99
N SER A 40 -13.58 -2.86 -3.20
CA SER A 40 -14.92 -3.13 -3.70
C SER A 40 -15.36 -2.03 -4.66
N PRO A 41 -16.36 -2.29 -5.48
CA PRO A 41 -16.87 -1.29 -6.47
C PRO A 41 -17.29 0.02 -5.81
N TYR A 42 -17.83 -0.09 -4.60
CA TYR A 42 -18.27 1.09 -3.85
C TYR A 42 -17.12 1.69 -3.05
N ASP A 43 -15.90 1.19 -3.27
CA ASP A 43 -14.73 1.70 -2.57
C ASP A 43 -13.80 2.44 -3.52
N THR A 44 -13.65 3.74 -3.32
CA THR A 44 -12.78 4.53 -4.17
C THR A 44 -11.60 5.09 -3.36
N ASP A 45 -11.85 5.33 -2.07
CA ASP A 45 -10.80 5.86 -1.20
C ASP A 45 -9.66 4.87 -1.08
N SER A 46 -9.99 3.59 -1.04
CA SER A 46 -8.98 2.53 -0.92
C SER A 46 -8.00 2.61 -2.07
N LEU A 47 -6.78 2.14 -1.83
CA LEU A 47 -5.75 2.15 -2.85
C LEU A 47 -5.75 0.84 -3.63
N LYS A 48 -5.72 0.95 -4.97
CA LYS A 48 -5.71 -0.23 -5.81
C LYS A 48 -4.26 -0.70 -6.02
N ILE A 49 -3.99 -1.95 -5.69
CA ILE A 49 -2.63 -2.48 -5.85
C ILE A 49 -2.66 -3.81 -6.58
N LYS A 50 -1.63 -4.08 -7.37
CA LYS A 50 -1.55 -5.34 -8.11
C LYS A 50 -0.16 -5.94 -8.00
N LYS A 51 -0.05 -7.23 -8.27
CA LYS A 51 1.24 -7.90 -8.18
C LYS A 51 2.26 -7.20 -9.09
N GLY A 52 3.36 -6.75 -8.48
CA GLY A 52 4.41 -6.06 -9.22
C GLY A 52 4.35 -4.56 -8.99
N ASP A 53 3.20 -4.05 -8.58
CA ASP A 53 3.06 -2.62 -8.32
C ASP A 53 3.91 -2.20 -7.12
N ILE A 54 4.49 -1.01 -7.21
CA ILE A 54 5.34 -0.49 -6.13
C ILE A 54 4.67 0.71 -5.47
N ILE A 55 4.57 0.68 -4.15
CA ILE A 55 3.94 1.76 -3.40
C ILE A 55 4.96 2.44 -2.48
N ASP A 56 4.97 3.76 -2.50
CA ASP A 56 5.89 4.53 -1.66
C ASP A 56 5.34 4.62 -0.23
N ILE A 57 6.09 4.06 0.72
CA ILE A 57 5.66 4.07 2.11
C ILE A 57 5.67 5.50 2.67
N ILE A 58 4.54 5.92 3.22
CA ILE A 58 4.44 7.26 3.78
C ILE A 58 4.25 7.18 5.29
N CYS A 59 3.18 6.52 5.72
CA CYS A 59 2.89 6.38 7.15
C CYS A 59 2.26 5.02 7.44
N LYS A 60 2.16 4.68 8.72
CA LYS A 60 1.56 3.42 9.11
C LYS A 60 0.30 3.65 9.92
N THR A 61 -0.72 2.82 9.70
CA THR A 61 -1.98 2.99 10.41
C THR A 61 -2.04 2.02 11.60
N PRO A 62 -2.50 2.45 12.75
CA PRO A 62 -2.62 1.57 13.96
C PRO A 62 -3.40 0.29 13.68
N MET A 63 -4.43 0.39 12.84
CA MET A 63 -5.24 -0.77 12.50
C MET A 63 -4.39 -1.86 11.85
N GLY A 64 -3.22 -1.49 11.36
CA GLY A 64 -2.31 -2.44 10.73
C GLY A 64 -2.05 -2.08 9.28
N MET A 65 -3.07 -1.59 8.59
CA MET A 65 -2.93 -1.21 7.19
C MET A 65 -1.92 -0.08 7.04
N TRP A 66 -1.17 -0.14 5.94
CA TRP A 66 -0.14 0.86 5.67
C TRP A 66 -0.65 1.91 4.70
N THR A 67 -0.04 3.09 4.76
CA THR A 67 -0.41 4.19 3.88
C THR A 67 0.75 4.54 2.95
N GLY A 68 0.45 4.74 1.69
CA GLY A 68 1.48 5.09 0.71
C GLY A 68 0.88 5.79 -0.49
N MET A 69 1.70 6.02 -1.52
CA MET A 69 1.26 6.70 -2.72
C MET A 69 1.47 5.81 -3.96
N LEU A 70 0.50 5.83 -4.86
CA LEU A 70 0.58 5.04 -6.08
C LEU A 70 0.07 5.83 -7.28
N ASN A 71 0.98 6.18 -8.18
CA ASN A 71 0.59 6.93 -9.37
C ASN A 71 -0.15 8.20 -8.97
N ASN A 72 0.45 8.98 -8.07
CA ASN A 72 -0.18 10.21 -7.60
C ASN A 72 -1.49 9.92 -6.90
N LYS A 73 -1.53 8.81 -6.15
CA LYS A 73 -2.74 8.44 -5.42
C LYS A 73 -2.37 7.95 -4.01
N VAL A 74 -2.76 8.71 -3.00
CA VAL A 74 -2.46 8.34 -1.62
C VAL A 74 -3.67 7.69 -0.95
N GLY A 75 -3.46 6.51 -0.38
CA GLY A 75 -4.54 5.79 0.29
C GLY A 75 -4.00 4.67 1.16
N ASN A 76 -4.90 3.88 1.71
CA ASN A 76 -4.51 2.77 2.58
C ASN A 76 -4.59 1.45 1.83
N PHE A 77 -3.75 0.50 2.22
CA PHE A 77 -3.73 -0.81 1.59
C PHE A 77 -3.28 -1.88 2.58
N LYS A 78 -3.63 -3.13 2.30
CA LYS A 78 -3.26 -4.24 3.17
C LYS A 78 -1.77 -4.54 3.07
N PHE A 79 -1.09 -4.37 4.19
CA PHE A 79 0.35 -4.64 4.23
C PHE A 79 0.64 -6.11 3.94
N ILE A 80 -0.32 -6.98 4.24
CA ILE A 80 -0.14 -8.41 3.98
C ILE A 80 0.02 -8.69 2.50
N TYR A 81 -0.66 -7.89 1.68
CA TYR A 81 -0.60 -8.04 0.23
C TYR A 81 0.62 -7.32 -0.35
N VAL A 82 1.42 -6.71 0.53
CA VAL A 82 2.61 -6.00 0.08
C VAL A 82 3.81 -6.39 0.93
N ASP A 83 5.00 -6.14 0.42
CA ASP A 83 6.23 -6.45 1.13
C ASP A 83 7.08 -5.20 1.28
N VAL A 84 7.65 -5.03 2.47
CA VAL A 84 8.50 -3.87 2.74
C VAL A 84 9.95 -4.15 2.35
N ILE A 85 10.49 -3.28 1.50
CA ILE A 85 11.87 -3.44 1.05
C ILE A 85 12.65 -2.14 1.25
N SER A 86 13.95 -2.28 1.46
CA SER A 86 14.81 -1.11 1.67
C SER A 86 15.26 -0.54 0.32
N GLU A 87 15.26 0.78 0.23
CA GLU A 87 15.68 1.46 -1.01
C GLU A 87 14.74 1.09 -2.15
N GLY A 25 10.06 4.29 16.37
CA GLY A 25 9.24 5.01 15.34
C GLY A 25 8.99 4.09 14.16
N PRO A 26 8.15 4.52 13.25
CA PRO A 26 7.81 3.72 12.03
C PRO A 26 8.98 3.62 11.06
N PHE A 27 9.02 2.54 10.29
CA PHE A 27 10.10 2.32 9.33
C PHE A 27 9.72 2.88 7.97
N CYS A 28 10.59 3.72 7.42
CA CYS A 28 10.34 4.32 6.12
C CYS A 28 11.10 3.57 5.03
N GLY A 29 10.39 3.21 3.98
CA GLY A 29 11.00 2.47 2.87
C GLY A 29 10.01 2.29 1.72
N ARG A 30 10.23 1.26 0.92
CA ARG A 30 9.36 0.99 -0.22
C ARG A 30 8.49 -0.23 0.05
N ALA A 31 7.25 -0.18 -0.41
CA ALA A 31 6.31 -1.28 -0.21
C ALA A 31 6.10 -2.02 -1.53
N ARG A 32 6.48 -3.28 -1.54
CA ARG A 32 6.33 -4.09 -2.75
C ARG A 32 5.05 -4.89 -2.68
N VAL A 33 4.17 -4.69 -3.65
CA VAL A 33 2.90 -5.40 -3.68
C VAL A 33 3.08 -6.79 -4.27
N HIS A 34 2.66 -7.80 -3.50
CA HIS A 34 2.75 -9.17 -3.95
C HIS A 34 1.36 -9.80 -4.12
N THR A 35 0.32 -9.10 -3.66
CA THR A 35 -1.04 -9.59 -3.77
C THR A 35 -1.95 -8.55 -4.41
N ASP A 36 -2.79 -8.98 -5.33
CA ASP A 36 -3.71 -8.06 -6.00
C ASP A 36 -4.77 -7.56 -5.03
N PHE A 37 -4.82 -6.25 -4.84
CA PHE A 37 -5.79 -5.65 -3.93
C PHE A 37 -7.19 -5.85 -4.48
N THR A 38 -8.14 -6.22 -3.61
CA THR A 38 -9.52 -6.45 -4.04
C THR A 38 -10.47 -5.47 -3.35
N PRO A 39 -10.80 -4.36 -3.97
CA PRO A 39 -11.72 -3.34 -3.36
C PRO A 39 -13.17 -3.80 -3.38
N SER A 40 -14.00 -3.23 -2.49
CA SER A 40 -15.41 -3.61 -2.43
C SER A 40 -16.20 -2.90 -3.52
N PRO A 41 -17.35 -3.43 -3.89
CA PRO A 41 -18.21 -2.82 -4.95
C PRO A 41 -18.60 -1.38 -4.63
N TYR A 42 -18.91 -1.13 -3.35
CA TYR A 42 -19.30 0.20 -2.89
C TYR A 42 -18.09 1.01 -2.46
N ASP A 43 -16.90 0.58 -2.87
CA ASP A 43 -15.68 1.29 -2.52
C ASP A 43 -15.04 1.91 -3.76
N THR A 44 -15.03 3.24 -3.82
CA THR A 44 -14.44 3.95 -4.95
C THR A 44 -13.19 4.70 -4.52
N ASP A 45 -13.04 4.90 -3.22
CA ASP A 45 -11.88 5.60 -2.69
C ASP A 45 -10.71 4.62 -2.42
N SER A 46 -10.90 3.36 -2.83
CA SER A 46 -9.86 2.36 -2.64
C SER A 46 -8.66 2.63 -3.55
N LEU A 47 -7.48 2.21 -3.11
CA LEU A 47 -6.28 2.41 -3.90
C LEU A 47 -6.12 1.28 -4.91
N LYS A 48 -5.77 1.64 -6.14
CA LYS A 48 -5.58 0.63 -7.18
C LYS A 48 -4.11 0.23 -7.26
N ILE A 49 -3.83 -1.05 -7.02
CA ILE A 49 -2.47 -1.55 -7.05
C ILE A 49 -2.40 -2.88 -7.78
N LYS A 50 -1.19 -3.33 -8.11
CA LYS A 50 -1.03 -4.60 -8.79
C LYS A 50 0.29 -5.25 -8.39
N LYS A 51 0.36 -6.58 -8.53
CA LYS A 51 1.57 -7.30 -8.16
C LYS A 51 2.77 -6.75 -8.93
N GLY A 52 3.84 -6.45 -8.19
CA GLY A 52 5.05 -5.92 -8.81
C GLY A 52 5.11 -4.39 -8.67
N ASP A 53 3.98 -3.78 -8.36
CA ASP A 53 3.92 -2.32 -8.20
C ASP A 53 4.64 -1.91 -6.93
N ILE A 54 5.27 -0.73 -6.95
CA ILE A 54 6.00 -0.24 -5.79
C ILE A 54 5.33 1.03 -5.25
N ILE A 55 5.06 1.05 -3.95
CA ILE A 55 4.42 2.19 -3.31
C ILE A 55 5.32 2.78 -2.24
N ASP A 56 5.50 4.09 -2.29
CA ASP A 56 6.35 4.75 -1.30
C ASP A 56 5.62 4.85 0.03
N ILE A 57 6.28 4.40 1.10
CA ILE A 57 5.67 4.44 2.43
C ILE A 57 5.65 5.86 2.97
N ILE A 58 4.45 6.35 3.27
CA ILE A 58 4.30 7.70 3.80
C ILE A 58 3.80 7.67 5.25
N CYS A 59 2.93 6.72 5.54
CA CYS A 59 2.38 6.57 6.88
C CYS A 59 2.10 5.11 7.20
N LYS A 60 2.15 4.77 8.48
CA LYS A 60 1.91 3.39 8.90
C LYS A 60 1.02 3.38 10.13
N THR A 61 0.31 2.28 10.34
CA THR A 61 -0.57 2.17 11.50
C THR A 61 -0.33 0.84 12.23
N PRO A 62 -0.65 0.76 13.51
CA PRO A 62 -0.46 -0.49 14.30
C PRO A 62 -1.28 -1.65 13.72
N MET A 63 -0.58 -2.68 13.25
CA MET A 63 -1.24 -3.85 12.69
C MET A 63 -2.39 -3.45 11.77
N GLY A 64 -2.23 -2.32 11.10
CA GLY A 64 -3.27 -1.83 10.20
C GLY A 64 -2.73 -1.64 8.79
N MET A 65 -3.63 -1.32 7.86
CA MET A 65 -3.24 -1.13 6.48
C MET A 65 -2.21 0.00 6.36
N TRP A 66 -1.34 -0.11 5.37
CA TRP A 66 -0.30 0.88 5.15
C TRP A 66 -0.74 1.92 4.14
N THR A 67 -0.22 3.13 4.29
CA THR A 67 -0.56 4.23 3.40
C THR A 67 0.68 4.73 2.67
N GLY A 68 0.52 5.10 1.42
CA GLY A 68 1.65 5.58 0.64
C GLY A 68 1.21 6.30 -0.62
N MET A 69 2.17 6.57 -1.49
CA MET A 69 1.88 7.24 -2.76
C MET A 69 2.17 6.30 -3.93
N LEU A 70 1.24 6.29 -4.89
CA LEU A 70 1.37 5.44 -6.08
C LEU A 70 0.99 6.24 -7.34
N ASN A 71 1.96 6.47 -8.21
CA ASN A 71 1.68 7.19 -9.45
C ASN A 71 0.98 8.51 -9.19
N ASN A 72 1.56 9.33 -8.31
CA ASN A 72 1.00 10.62 -7.98
C ASN A 72 -0.41 10.46 -7.41
N LYS A 73 -0.65 9.32 -6.77
CA LYS A 73 -1.96 9.08 -6.16
C LYS A 73 -1.78 8.39 -4.81
N VAL A 74 -2.17 9.06 -3.74
CA VAL A 74 -2.03 8.50 -2.40
C VAL A 74 -3.30 7.75 -2.01
N GLY A 75 -3.12 6.62 -1.32
CA GLY A 75 -4.26 5.82 -0.90
C GLY A 75 -3.84 4.80 0.15
N ASN A 76 -4.82 4.05 0.64
CA ASN A 76 -4.56 3.03 1.65
C ASN A 76 -4.68 1.63 1.05
N PHE A 77 -3.83 0.72 1.53
CA PHE A 77 -3.85 -0.66 1.05
C PHE A 77 -3.45 -1.62 2.15
N LYS A 78 -4.04 -2.82 2.11
CA LYS A 78 -3.76 -3.82 3.13
C LYS A 78 -2.27 -4.13 3.16
N PHE A 79 -1.65 -3.92 4.33
CA PHE A 79 -0.23 -4.18 4.48
C PHE A 79 0.08 -5.64 4.22
N ILE A 80 -0.90 -6.50 4.42
CA ILE A 80 -0.70 -7.93 4.20
C ILE A 80 -0.42 -8.20 2.73
N TYR A 81 -1.11 -7.48 1.86
CA TYR A 81 -0.94 -7.65 0.42
C TYR A 81 0.33 -6.98 -0.09
N VAL A 82 1.06 -6.34 0.82
CA VAL A 82 2.30 -5.67 0.46
C VAL A 82 3.43 -6.11 1.39
N ASP A 83 4.66 -5.90 0.97
CA ASP A 83 5.80 -6.28 1.78
C ASP A 83 6.77 -5.11 1.91
N VAL A 84 7.39 -4.98 3.07
CA VAL A 84 8.33 -3.90 3.30
C VAL A 84 9.72 -4.28 2.80
N ILE A 85 10.24 -3.51 1.84
CA ILE A 85 11.55 -3.78 1.28
C ILE A 85 12.43 -2.52 1.33
N SER A 86 13.74 -2.72 1.27
CA SER A 86 14.67 -1.60 1.30
C SER A 86 15.34 -1.44 -0.06
N GLU A 87 15.29 -0.22 -0.59
CA GLU A 87 15.88 0.06 -1.90
C GLU A 87 15.36 -0.91 -2.95
N GLY A 25 9.57 -0.79 16.19
CA GLY A 25 10.64 -0.15 15.36
C GLY A 25 10.25 -0.20 13.89
N PRO A 26 9.30 0.61 13.49
CA PRO A 26 8.82 0.67 12.08
C PRO A 26 9.86 1.27 11.14
N PHE A 27 9.78 0.91 9.86
CA PHE A 27 10.71 1.41 8.87
C PHE A 27 9.97 2.02 7.69
N CYS A 28 10.61 2.99 7.03
CA CYS A 28 9.99 3.64 5.89
C CYS A 28 10.80 3.37 4.62
N GLY A 29 10.12 3.41 3.48
CA GLY A 29 10.78 3.16 2.20
C GLY A 29 9.77 2.83 1.12
N ARG A 30 10.00 1.73 0.40
CA ARG A 30 9.11 1.31 -0.67
C ARG A 30 8.40 0.01 -0.30
N ALA A 31 7.15 -0.12 -0.73
CA ALA A 31 6.37 -1.32 -0.44
C ALA A 31 6.18 -2.15 -1.71
N ARG A 32 6.64 -3.38 -1.68
CA ARG A 32 6.53 -4.25 -2.84
C ARG A 32 5.30 -5.16 -2.71
N VAL A 33 4.43 -5.13 -3.71
CA VAL A 33 3.23 -5.94 -3.67
C VAL A 33 3.52 -7.36 -4.12
N HIS A 34 3.10 -8.33 -3.31
CA HIS A 34 3.32 -9.74 -3.63
C HIS A 34 2.02 -10.39 -4.14
N THR A 35 0.90 -9.68 -4.00
CA THR A 35 -0.37 -10.22 -4.44
C THR A 35 -1.26 -9.11 -5.00
N ASP A 36 -2.04 -9.44 -6.01
CA ASP A 36 -2.92 -8.45 -6.64
C ASP A 36 -4.09 -8.10 -5.72
N PHE A 37 -4.13 -6.85 -5.26
CA PHE A 37 -5.21 -6.41 -4.40
C PHE A 37 -5.95 -5.23 -5.03
N THR A 38 -7.26 -5.38 -5.20
CA THR A 38 -8.05 -4.32 -5.79
C THR A 38 -9.21 -3.92 -4.88
N PRO A 39 -9.68 -2.70 -5.00
CA PRO A 39 -10.80 -2.19 -4.16
C PRO A 39 -12.16 -2.68 -4.65
N SER A 40 -13.15 -2.64 -3.76
CA SER A 40 -14.49 -3.08 -4.10
C SER A 40 -15.24 -1.96 -4.84
N PRO A 41 -16.27 -2.30 -5.59
CA PRO A 41 -17.07 -1.29 -6.35
C PRO A 41 -17.57 -0.16 -5.45
N TYR A 42 -18.10 -0.52 -4.28
CA TYR A 42 -18.61 0.48 -3.35
C TYR A 42 -17.46 1.09 -2.54
N ASP A 43 -16.34 0.37 -2.49
CA ASP A 43 -15.17 0.84 -1.75
C ASP A 43 -14.24 1.62 -2.68
N THR A 44 -14.23 2.94 -2.55
CA THR A 44 -13.37 3.78 -3.38
C THR A 44 -12.17 4.28 -2.57
N ASP A 45 -12.34 4.32 -1.25
CA ASP A 45 -11.26 4.77 -0.37
C ASP A 45 -10.06 3.83 -0.46
N SER A 46 -10.33 2.54 -0.60
CA SER A 46 -9.27 1.54 -0.69
C SER A 46 -8.40 1.80 -1.92
N LEU A 47 -7.09 1.71 -1.73
CA LEU A 47 -6.15 1.93 -2.82
C LEU A 47 -6.03 0.68 -3.69
N LYS A 48 -5.83 0.88 -4.99
CA LYS A 48 -5.69 -0.23 -5.92
C LYS A 48 -4.21 -0.54 -6.16
N ILE A 49 -3.83 -1.80 -5.97
CA ILE A 49 -2.44 -2.20 -6.18
C ILE A 49 -2.38 -3.56 -6.88
N LYS A 50 -1.23 -3.85 -7.48
CA LYS A 50 -1.05 -5.13 -8.16
C LYS A 50 0.31 -5.72 -7.84
N LYS A 51 0.43 -7.04 -7.99
CA LYS A 51 1.69 -7.71 -7.70
C LYS A 51 2.82 -7.19 -8.60
N GLY A 52 3.93 -6.82 -7.98
CA GLY A 52 5.07 -6.30 -8.73
C GLY A 52 5.11 -4.78 -8.68
N ASP A 53 3.98 -4.17 -8.31
CA ASP A 53 3.90 -2.71 -8.22
C ASP A 53 4.60 -2.20 -6.96
N ILE A 54 5.20 -1.02 -7.05
CA ILE A 54 5.90 -0.44 -5.90
C ILE A 54 5.12 0.76 -5.37
N ILE A 55 4.86 0.74 -4.07
CA ILE A 55 4.10 1.80 -3.43
C ILE A 55 5.01 2.66 -2.55
N ASP A 56 4.92 3.97 -2.72
CA ASP A 56 5.75 4.88 -1.93
C ASP A 56 5.13 5.07 -0.55
N ILE A 57 5.81 4.56 0.48
CA ILE A 57 5.31 4.67 1.84
C ILE A 57 5.29 6.13 2.29
N ILE A 58 4.10 6.63 2.58
CA ILE A 58 3.94 8.00 3.04
C ILE A 58 3.76 8.05 4.55
N CYS A 59 3.07 7.05 5.09
CA CYS A 59 2.83 6.99 6.53
C CYS A 59 2.19 5.66 6.90
N LYS A 60 2.05 5.41 8.20
CA LYS A 60 1.46 4.17 8.67
C LYS A 60 0.16 4.44 9.44
N THR A 61 -0.82 3.55 9.31
CA THR A 61 -2.08 3.77 9.99
C THR A 61 -2.10 2.97 11.30
N PRO A 62 -2.55 3.55 12.40
CA PRO A 62 -2.60 2.85 13.72
C PRO A 62 -3.47 1.59 13.68
N MET A 63 -4.41 1.56 12.76
CA MET A 63 -5.31 0.41 12.61
C MET A 63 -4.51 -0.82 12.19
N GLY A 64 -3.52 -0.60 11.33
CA GLY A 64 -2.70 -1.70 10.84
C GLY A 64 -2.38 -1.53 9.35
N MET A 65 -3.37 -1.07 8.60
CA MET A 65 -3.19 -0.87 7.17
C MET A 65 -2.13 0.20 6.89
N TRP A 66 -1.39 0.01 5.81
CA TRP A 66 -0.35 0.96 5.44
C TRP A 66 -0.86 1.94 4.41
N THR A 67 -0.34 3.17 4.48
CA THR A 67 -0.76 4.21 3.54
C THR A 67 0.44 4.65 2.71
N GLY A 68 0.22 4.89 1.42
CA GLY A 68 1.29 5.32 0.54
C GLY A 68 0.73 6.05 -0.69
N MET A 69 1.61 6.34 -1.63
CA MET A 69 1.23 7.03 -2.86
C MET A 69 1.44 6.14 -4.07
N LEU A 70 0.53 6.24 -5.03
CA LEU A 70 0.62 5.44 -6.24
C LEU A 70 0.13 6.25 -7.45
N ASN A 71 1.03 6.48 -8.41
CA ASN A 71 0.70 7.24 -9.62
C ASN A 71 -0.18 8.43 -9.29
N ASN A 72 0.33 9.33 -8.45
CA ASN A 72 -0.41 10.52 -8.06
C ASN A 72 -1.73 10.14 -7.38
N LYS A 73 -1.71 9.04 -6.61
CA LYS A 73 -2.91 8.60 -5.92
C LYS A 73 -2.55 8.09 -4.52
N VAL A 74 -2.96 8.81 -3.49
CA VAL A 74 -2.66 8.40 -2.13
C VAL A 74 -3.87 7.72 -1.51
N GLY A 75 -3.64 6.52 -0.97
CA GLY A 75 -4.73 5.76 -0.36
C GLY A 75 -4.18 4.70 0.60
N ASN A 76 -5.08 3.91 1.17
CA ASN A 76 -4.67 2.86 2.11
C ASN A 76 -4.71 1.50 1.44
N PHE A 77 -3.97 0.55 2.00
CA PHE A 77 -3.92 -0.80 1.46
C PHE A 77 -3.51 -1.81 2.53
N LYS A 78 -3.81 -3.08 2.29
CA LYS A 78 -3.46 -4.11 3.24
C LYS A 78 -1.95 -4.30 3.30
N PHE A 79 -1.36 -3.94 4.43
CA PHE A 79 0.08 -4.07 4.61
C PHE A 79 0.50 -5.52 4.46
N ILE A 80 -0.44 -6.44 4.70
CA ILE A 80 -0.15 -7.86 4.59
C ILE A 80 0.12 -8.24 3.12
N TYR A 81 -0.65 -7.62 2.23
CA TYR A 81 -0.53 -7.91 0.79
C TYR A 81 0.71 -7.23 0.21
N VAL A 82 1.39 -6.44 1.03
CA VAL A 82 2.58 -5.75 0.58
C VAL A 82 3.74 -6.04 1.53
N ASP A 83 4.96 -5.84 1.04
CA ASP A 83 6.14 -6.08 1.86
C ASP A 83 7.02 -4.84 1.87
N VAL A 84 7.57 -4.53 3.04
CA VAL A 84 8.44 -3.36 3.17
C VAL A 84 9.86 -3.68 2.71
N ILE A 85 10.33 -2.93 1.72
CA ILE A 85 11.68 -3.14 1.20
C ILE A 85 12.44 -1.82 1.16
N SER A 86 13.77 -1.92 1.10
CA SER A 86 14.61 -0.72 1.07
C SER A 86 15.17 -0.52 -0.33
N GLU A 87 15.08 0.71 -0.84
CA GLU A 87 15.59 1.02 -2.17
C GLU A 87 17.08 1.27 -2.11
N GLY A 25 9.42 2.86 15.89
CA GLY A 25 10.46 3.34 14.94
C GLY A 25 10.03 3.02 13.51
N PRO A 26 9.08 3.76 12.99
CA PRO A 26 8.55 3.56 11.61
C PRO A 26 9.65 3.69 10.56
N PHE A 27 9.57 2.86 9.52
CA PHE A 27 10.58 2.89 8.46
C PHE A 27 9.95 3.38 7.17
N CYS A 28 10.72 4.16 6.40
CA CYS A 28 10.23 4.68 5.13
C CYS A 28 11.05 4.14 3.97
N GLY A 29 10.39 3.90 2.84
CA GLY A 29 11.06 3.37 1.67
C GLY A 29 10.04 2.95 0.61
N ARG A 30 10.34 1.84 -0.08
CA ARG A 30 9.44 1.35 -1.11
C ARG A 30 8.81 0.02 -0.68
N ALA A 31 7.57 -0.20 -1.08
CA ALA A 31 6.88 -1.44 -0.74
C ALA A 31 6.57 -2.25 -1.99
N ARG A 32 7.01 -3.50 -2.01
CA ARG A 32 6.78 -4.35 -3.17
C ARG A 32 5.49 -5.15 -2.98
N VAL A 33 4.54 -4.96 -3.89
CA VAL A 33 3.27 -5.67 -3.80
C VAL A 33 3.41 -7.10 -4.30
N HIS A 34 3.02 -8.06 -3.46
CA HIS A 34 3.11 -9.46 -3.84
C HIS A 34 1.71 -10.07 -3.99
N THR A 35 0.69 -9.34 -3.56
CA THR A 35 -0.68 -9.82 -3.67
C THR A 35 -1.56 -8.77 -4.34
N ASP A 36 -2.34 -9.19 -5.34
CA ASP A 36 -3.22 -8.27 -6.05
C ASP A 36 -4.35 -7.80 -5.15
N PHE A 37 -4.58 -6.48 -5.11
CA PHE A 37 -5.64 -5.92 -4.28
C PHE A 37 -6.96 -5.90 -5.04
N THR A 38 -8.04 -6.28 -4.38
CA THR A 38 -9.36 -6.30 -5.02
C THR A 38 -10.37 -5.50 -4.19
N PRO A 39 -10.56 -4.23 -4.49
CA PRO A 39 -11.51 -3.37 -3.72
C PRO A 39 -12.97 -3.70 -4.03
N SER A 40 -13.85 -3.38 -3.08
CA SER A 40 -15.27 -3.65 -3.26
C SER A 40 -15.90 -2.68 -4.27
N PRO A 41 -17.00 -3.03 -4.86
CA PRO A 41 -17.70 -2.16 -5.87
C PRO A 41 -18.02 -0.78 -5.30
N TYR A 42 -18.42 -0.75 -4.03
CA TYR A 42 -18.76 0.51 -3.38
C TYR A 42 -17.52 1.14 -2.73
N ASP A 43 -16.35 0.55 -2.97
CA ASP A 43 -15.12 1.08 -2.42
C ASP A 43 -14.36 1.89 -3.47
N THR A 44 -14.47 3.21 -3.38
CA THR A 44 -13.79 4.08 -4.34
C THR A 44 -12.56 4.71 -3.69
N ASP A 45 -12.60 4.86 -2.37
CA ASP A 45 -11.48 5.44 -1.64
C ASP A 45 -10.32 4.46 -1.56
N SER A 46 -10.62 3.17 -1.73
CA SER A 46 -9.59 2.13 -1.66
C SER A 46 -8.53 2.39 -2.72
N LEU A 47 -7.27 2.13 -2.36
CA LEU A 47 -6.17 2.33 -3.28
C LEU A 47 -6.05 1.14 -4.23
N LYS A 48 -5.79 1.43 -5.50
CA LYS A 48 -5.67 0.36 -6.49
C LYS A 48 -4.20 -0.01 -6.67
N ILE A 49 -3.88 -1.27 -6.37
CA ILE A 49 -2.51 -1.74 -6.51
C ILE A 49 -2.49 -3.15 -7.11
N LYS A 50 -1.47 -3.45 -7.89
CA LYS A 50 -1.36 -4.76 -8.52
C LYS A 50 -0.03 -5.41 -8.17
N LYS A 51 0.09 -6.71 -8.44
CA LYS A 51 1.32 -7.42 -8.15
C LYS A 51 2.46 -6.88 -9.00
N GLY A 52 3.58 -6.57 -8.34
CA GLY A 52 4.75 -6.04 -9.04
C GLY A 52 4.84 -4.52 -8.90
N ASP A 53 3.71 -3.89 -8.59
CA ASP A 53 3.70 -2.43 -8.43
C ASP A 53 4.45 -2.04 -7.16
N ILE A 54 5.07 -0.87 -7.18
CA ILE A 54 5.82 -0.39 -6.02
C ILE A 54 5.08 0.78 -5.37
N ILE A 55 4.85 0.68 -4.07
CA ILE A 55 4.13 1.72 -3.35
C ILE A 55 5.08 2.47 -2.42
N ASP A 56 5.05 3.80 -2.49
CA ASP A 56 5.92 4.60 -1.64
C ASP A 56 5.36 4.62 -0.21
N ILE A 57 6.11 4.04 0.73
CA ILE A 57 5.67 4.00 2.12
C ILE A 57 5.66 5.40 2.73
N ILE A 58 4.50 5.79 3.27
CA ILE A 58 4.37 7.10 3.88
C ILE A 58 4.26 6.97 5.39
N CYS A 59 3.25 6.23 5.85
CA CYS A 59 3.05 6.05 7.28
C CYS A 59 2.12 4.87 7.54
N LYS A 60 2.29 4.23 8.70
CA LYS A 60 1.46 3.08 9.05
C LYS A 60 0.31 3.53 9.94
N THR A 61 -0.76 2.74 9.98
CA THR A 61 -1.92 3.09 10.80
C THR A 61 -2.08 2.09 11.95
N PRO A 62 -2.74 2.49 13.01
CA PRO A 62 -2.96 1.60 14.21
C PRO A 62 -3.65 0.30 13.83
N MET A 63 -4.54 0.36 12.84
CA MET A 63 -5.28 -0.81 12.40
C MET A 63 -4.32 -1.87 11.86
N GLY A 64 -3.29 -1.43 11.16
CA GLY A 64 -2.31 -2.34 10.59
C GLY A 64 -2.04 -2.02 9.13
N MET A 65 -3.06 -1.53 8.44
CA MET A 65 -2.90 -1.18 7.03
C MET A 65 -1.88 -0.07 6.85
N TRP A 66 -1.12 -0.16 5.78
CA TRP A 66 -0.07 0.83 5.51
C TRP A 66 -0.56 1.89 4.52
N THR A 67 -0.02 3.10 4.66
CA THR A 67 -0.39 4.20 3.78
C THR A 67 0.78 4.54 2.87
N GLY A 68 0.50 4.74 1.59
CA GLY A 68 1.53 5.06 0.62
C GLY A 68 0.97 5.85 -0.55
N MET A 69 1.83 6.14 -1.53
CA MET A 69 1.42 6.91 -2.69
C MET A 69 1.71 6.14 -3.98
N LEU A 70 0.80 6.26 -4.94
CA LEU A 70 0.93 5.58 -6.22
C LEU A 70 0.54 6.51 -7.36
N ASN A 71 1.53 7.00 -8.09
CA ASN A 71 1.27 7.87 -9.24
C ASN A 71 0.44 9.08 -8.78
N ASN A 72 0.97 9.83 -7.82
CA ASN A 72 0.25 10.99 -7.31
C ASN A 72 -1.09 10.57 -6.73
N LYS A 73 -1.14 9.39 -6.13
CA LYS A 73 -2.37 8.90 -5.53
C LYS A 73 -2.09 8.36 -4.13
N VAL A 74 -2.56 9.08 -3.11
CA VAL A 74 -2.33 8.63 -1.73
C VAL A 74 -3.55 7.89 -1.20
N GLY A 75 -3.34 6.66 -0.76
CA GLY A 75 -4.43 5.85 -0.24
C GLY A 75 -3.91 4.77 0.70
N ASN A 76 -4.83 3.98 1.25
CA ASN A 76 -4.46 2.91 2.18
C ASN A 76 -4.58 1.55 1.51
N PHE A 77 -3.81 0.59 2.00
CA PHE A 77 -3.82 -0.76 1.45
C PHE A 77 -3.43 -1.78 2.51
N LYS A 78 -3.81 -3.03 2.28
CA LYS A 78 -3.51 -4.10 3.23
C LYS A 78 -2.01 -4.37 3.27
N PHE A 79 -1.42 -4.13 4.43
CA PHE A 79 0.01 -4.34 4.60
C PHE A 79 0.36 -5.80 4.34
N ILE A 80 -0.60 -6.69 4.52
CA ILE A 80 -0.36 -8.11 4.30
C ILE A 80 -0.10 -8.38 2.83
N TYR A 81 -0.82 -7.68 1.96
CA TYR A 81 -0.70 -7.85 0.52
C TYR A 81 0.54 -7.12 -0.02
N VAL A 82 1.19 -6.35 0.84
CA VAL A 82 2.38 -5.60 0.45
C VAL A 82 3.58 -5.99 1.30
N ASP A 83 4.73 -6.12 0.67
CA ASP A 83 5.95 -6.48 1.38
C ASP A 83 6.87 -5.26 1.51
N VAL A 84 7.39 -5.07 2.70
CA VAL A 84 8.29 -3.94 2.96
C VAL A 84 9.67 -4.23 2.37
N ILE A 85 10.09 -3.40 1.42
CA ILE A 85 11.40 -3.58 0.79
C ILE A 85 12.38 -2.52 1.27
N SER A 86 13.66 -2.88 1.35
CA SER A 86 14.68 -1.94 1.80
C SER A 86 15.60 -1.58 0.65
N GLU A 87 16.11 -0.35 0.65
CA GLU A 87 17.01 0.10 -0.40
C GLU A 87 18.01 1.11 0.14
N GLY A 25 11.54 0.24 15.53
CA GLY A 25 10.24 0.06 14.85
C GLY A 25 10.41 0.21 13.34
N PRO A 26 9.34 0.19 12.60
CA PRO A 26 9.38 0.32 11.11
C PRO A 26 9.77 1.74 10.68
N PHE A 27 10.37 1.83 9.50
CA PHE A 27 10.80 3.12 8.98
C PHE A 27 10.24 3.35 7.57
N CYS A 28 10.07 4.62 7.19
CA CYS A 28 9.54 4.94 5.88
C CYS A 28 10.44 4.38 4.79
N GLY A 29 9.85 4.08 3.65
CA GLY A 29 10.58 3.53 2.52
C GLY A 29 9.65 3.16 1.37
N ARG A 30 9.93 2.02 0.74
CA ARG A 30 9.10 1.57 -0.38
C ARG A 30 8.61 0.15 -0.14
N ALA A 31 7.46 -0.18 -0.71
CA ALA A 31 6.88 -1.51 -0.55
C ALA A 31 6.66 -2.16 -1.91
N ARG A 32 7.02 -3.44 -2.02
CA ARG A 32 6.85 -4.17 -3.27
C ARG A 32 5.63 -5.08 -3.19
N VAL A 33 4.70 -4.89 -4.12
CA VAL A 33 3.48 -5.70 -4.15
C VAL A 33 3.75 -7.05 -4.81
N HIS A 34 3.36 -8.11 -4.12
CA HIS A 34 3.55 -9.46 -4.64
C HIS A 34 2.22 -10.12 -4.97
N THR A 35 1.12 -9.39 -4.74
CA THR A 35 -0.21 -9.93 -5.02
C THR A 35 -1.14 -8.82 -5.47
N ASP A 36 -2.13 -9.18 -6.27
CA ASP A 36 -3.09 -8.20 -6.77
C ASP A 36 -4.27 -8.05 -5.81
N PHE A 37 -4.30 -6.93 -5.11
CA PHE A 37 -5.37 -6.66 -4.15
C PHE A 37 -6.17 -5.43 -4.56
N THR A 38 -7.46 -5.61 -4.82
CA THR A 38 -8.30 -4.49 -5.21
C THR A 38 -9.53 -4.41 -4.30
N PRO A 39 -9.84 -3.24 -3.80
CA PRO A 39 -11.00 -3.02 -2.90
C PRO A 39 -12.33 -3.06 -3.65
N SER A 40 -13.42 -3.22 -2.91
CA SER A 40 -14.74 -3.27 -3.51
C SER A 40 -15.10 -1.92 -4.14
N PRO A 41 -15.98 -1.91 -5.10
CA PRO A 41 -16.41 -0.67 -5.80
C PRO A 41 -16.97 0.37 -4.83
N TYR A 42 -17.60 -0.09 -3.76
CA TYR A 42 -18.16 0.81 -2.77
C TYR A 42 -17.05 1.46 -1.94
N ASP A 43 -15.82 0.96 -2.09
CA ASP A 43 -14.69 1.50 -1.35
C ASP A 43 -13.75 2.23 -2.30
N THR A 44 -13.64 3.55 -2.12
CA THR A 44 -12.76 4.36 -2.96
C THR A 44 -11.51 4.77 -2.19
N ASP A 45 -11.64 4.90 -0.87
CA ASP A 45 -10.53 5.29 -0.04
C ASP A 45 -9.41 4.25 -0.12
N SER A 46 -9.78 2.99 -0.21
CA SER A 46 -8.81 1.91 -0.30
C SER A 46 -7.97 2.04 -1.58
N LEU A 47 -6.68 1.79 -1.45
CA LEU A 47 -5.77 1.88 -2.59
C LEU A 47 -5.64 0.53 -3.28
N LYS A 48 -5.55 0.55 -4.60
CA LYS A 48 -5.41 -0.68 -5.37
C LYS A 48 -3.93 -0.98 -5.63
N ILE A 49 -3.56 -2.26 -5.57
CA ILE A 49 -2.18 -2.65 -5.80
C ILE A 49 -2.11 -3.82 -6.78
N LYS A 50 -1.05 -3.86 -7.58
CA LYS A 50 -0.88 -4.93 -8.55
C LYS A 50 0.51 -5.57 -8.40
N LYS A 51 0.56 -6.89 -8.49
CA LYS A 51 1.82 -7.60 -8.35
C LYS A 51 2.85 -7.09 -9.36
N GLY A 52 4.00 -6.69 -8.86
CA GLY A 52 5.07 -6.17 -9.72
C GLY A 52 5.19 -4.66 -9.60
N ASP A 53 4.12 -4.01 -9.14
CA ASP A 53 4.13 -2.57 -8.97
C ASP A 53 4.80 -2.17 -7.66
N ILE A 54 5.33 -0.96 -7.61
CA ILE A 54 5.99 -0.47 -6.40
C ILE A 54 5.20 0.68 -5.78
N ILE A 55 4.95 0.57 -4.47
CA ILE A 55 4.19 1.60 -3.77
C ILE A 55 5.09 2.33 -2.78
N ASP A 56 5.07 3.66 -2.84
CA ASP A 56 5.88 4.47 -1.95
C ASP A 56 5.17 4.64 -0.61
N ILE A 57 5.83 4.21 0.47
CA ILE A 57 5.26 4.33 1.80
C ILE A 57 5.20 5.78 2.25
N ILE A 58 4.03 6.22 2.68
CA ILE A 58 3.85 7.59 3.14
C ILE A 58 3.75 7.65 4.66
N CYS A 59 2.84 6.86 5.21
CA CYS A 59 2.65 6.83 6.66
C CYS A 59 1.86 5.60 7.09
N LYS A 60 2.10 5.13 8.30
CA LYS A 60 1.41 3.96 8.82
C LYS A 60 0.43 4.36 9.91
N THR A 61 -0.61 3.55 10.11
CA THR A 61 -1.59 3.83 11.13
C THR A 61 -1.94 2.57 11.91
N PRO A 62 -2.39 2.72 13.14
CA PRO A 62 -2.79 1.57 14.00
C PRO A 62 -3.95 0.77 13.41
N MET A 63 -4.71 1.41 12.52
CA MET A 63 -5.85 0.77 11.90
C MET A 63 -5.45 -0.57 11.29
N GLY A 64 -4.20 -0.66 10.83
CA GLY A 64 -3.70 -1.89 10.23
C GLY A 64 -3.57 -1.72 8.72
N MET A 65 -3.54 -0.49 8.25
CA MET A 65 -3.41 -0.22 6.82
C MET A 65 -2.27 0.77 6.57
N TRP A 66 -1.51 0.52 5.52
CA TRP A 66 -0.40 1.40 5.17
C TRP A 66 -0.83 2.45 4.15
N THR A 67 -0.37 3.67 4.34
CA THR A 67 -0.71 4.77 3.43
C THR A 67 0.41 4.97 2.42
N GLY A 68 0.05 5.04 1.14
CA GLY A 68 1.03 5.24 0.09
C GLY A 68 0.41 5.90 -1.14
N MET A 69 1.21 6.06 -2.19
CA MET A 69 0.72 6.67 -3.42
C MET A 69 0.91 5.75 -4.61
N LEU A 70 -0.01 5.82 -5.56
CA LEU A 70 0.07 4.98 -6.75
C LEU A 70 -0.59 5.69 -7.94
N ASN A 71 0.21 5.94 -8.97
CA ASN A 71 -0.29 6.61 -10.17
C ASN A 71 -0.97 7.92 -9.79
N ASN A 72 -0.29 8.73 -8.98
CA ASN A 72 -0.85 10.00 -8.55
C ASN A 72 -2.14 9.78 -7.78
N LYS A 73 -2.20 8.70 -7.02
CA LYS A 73 -3.38 8.39 -6.23
C LYS A 73 -2.98 7.87 -4.84
N VAL A 74 -3.37 8.60 -3.81
CA VAL A 74 -3.04 8.21 -2.44
C VAL A 74 -4.23 7.53 -1.78
N GLY A 75 -3.98 6.37 -1.17
CA GLY A 75 -5.04 5.62 -0.51
C GLY A 75 -4.46 4.67 0.54
N ASN A 76 -5.34 3.97 1.25
CA ASN A 76 -4.91 3.04 2.28
C ASN A 76 -5.05 1.60 1.80
N PHE A 77 -4.03 0.79 2.06
CA PHE A 77 -4.04 -0.61 1.64
C PHE A 77 -3.47 -1.50 2.74
N LYS A 78 -3.88 -2.77 2.73
CA LYS A 78 -3.41 -3.71 3.74
C LYS A 78 -1.98 -4.14 3.44
N PHE A 79 -1.11 -3.96 4.41
CA PHE A 79 0.29 -4.32 4.25
C PHE A 79 0.44 -5.83 4.09
N ILE A 80 -0.57 -6.57 4.52
CA ILE A 80 -0.53 -8.03 4.41
C ILE A 80 -0.43 -8.46 2.96
N TYR A 81 -0.86 -7.58 2.05
CA TYR A 81 -0.79 -7.88 0.63
C TYR A 81 0.38 -7.15 -0.02
N VAL A 82 1.26 -6.57 0.80
CA VAL A 82 2.41 -5.85 0.30
C VAL A 82 3.66 -6.22 1.10
N ASP A 83 4.80 -6.21 0.42
CA ASP A 83 6.07 -6.54 1.07
C ASP A 83 6.89 -5.28 1.30
N VAL A 84 7.40 -5.12 2.51
CA VAL A 84 8.21 -3.95 2.85
C VAL A 84 9.69 -4.21 2.60
N ILE A 85 10.35 -3.27 1.94
CA ILE A 85 11.77 -3.42 1.64
C ILE A 85 12.56 -2.24 2.19
N SER A 86 13.85 -2.44 2.42
CA SER A 86 14.71 -1.40 2.94
C SER A 86 15.74 -0.98 1.90
N GLU A 87 16.13 0.29 1.94
CA GLU A 87 17.12 0.81 0.99
C GLU A 87 18.38 -0.03 1.03
N GLY A 25 6.66 1.49 16.28
CA GLY A 25 7.97 1.75 15.63
C GLY A 25 7.79 1.84 14.12
N PRO A 26 7.13 2.85 13.66
CA PRO A 26 6.88 3.06 12.20
C PRO A 26 8.16 3.41 11.44
N PHE A 27 8.19 3.05 10.16
CA PHE A 27 9.36 3.32 9.33
C PHE A 27 8.93 3.71 7.91
N CYS A 28 9.69 4.61 7.30
CA CYS A 28 9.38 5.06 5.95
C CYS A 28 10.30 4.37 4.94
N GLY A 29 9.72 3.93 3.84
CA GLY A 29 10.48 3.25 2.79
C GLY A 29 9.61 2.93 1.58
N ARG A 30 9.94 1.85 0.89
CA ARG A 30 9.18 1.45 -0.29
C ARG A 30 8.37 0.20 -0.01
N ALA A 31 7.13 0.17 -0.48
CA ALA A 31 6.27 -0.98 -0.27
C ALA A 31 6.12 -1.78 -1.56
N ARG A 32 6.61 -3.01 -1.55
CA ARG A 32 6.52 -3.86 -2.72
C ARG A 32 5.32 -4.78 -2.62
N VAL A 33 4.41 -4.67 -3.59
CA VAL A 33 3.21 -5.50 -3.58
C VAL A 33 3.55 -6.93 -4.02
N HIS A 34 3.20 -7.89 -3.17
CA HIS A 34 3.45 -9.29 -3.49
C HIS A 34 2.14 -10.04 -3.74
N THR A 35 1.02 -9.42 -3.32
CA THR A 35 -0.28 -10.03 -3.51
C THR A 35 -1.27 -9.04 -4.09
N ASP A 36 -2.04 -9.47 -5.09
CA ASP A 36 -3.02 -8.59 -5.72
C ASP A 36 -4.09 -8.19 -4.72
N PHE A 37 -4.40 -6.90 -4.69
CA PHE A 37 -5.43 -6.39 -3.78
C PHE A 37 -6.55 -5.72 -4.56
N THR A 38 -7.80 -6.01 -4.19
CA THR A 38 -8.93 -5.42 -4.87
C THR A 38 -9.98 -4.93 -3.86
N PRO A 39 -9.89 -3.70 -3.41
CA PRO A 39 -10.83 -3.12 -2.42
C PRO A 39 -12.23 -2.91 -3.00
N SER A 40 -13.24 -3.00 -2.15
CA SER A 40 -14.61 -2.83 -2.59
C SER A 40 -14.89 -1.36 -2.90
N PRO A 41 -15.89 -1.10 -3.71
CA PRO A 41 -16.28 0.30 -4.09
C PRO A 41 -16.52 1.19 -2.87
N TYR A 42 -16.82 0.56 -1.74
CA TYR A 42 -17.07 1.30 -0.51
C TYR A 42 -15.85 2.12 -0.12
N ASP A 43 -14.68 1.69 -0.61
CA ASP A 43 -13.44 2.40 -0.31
C ASP A 43 -13.45 3.79 -0.93
N THR A 44 -13.22 4.81 -0.10
CA THR A 44 -13.21 6.19 -0.59
C THR A 44 -11.99 6.45 -1.45
N ASP A 45 -10.87 5.83 -1.07
CA ASP A 45 -9.63 5.99 -1.82
C ASP A 45 -9.38 4.82 -2.76
N SER A 46 -10.37 3.89 -2.84
CA SER A 46 -10.28 2.69 -3.69
C SER A 46 -9.07 2.75 -4.61
N LEU A 47 -7.97 2.15 -4.18
CA LEU A 47 -6.74 2.17 -4.95
C LEU A 47 -6.43 0.79 -5.48
N LYS A 48 -6.13 0.70 -6.77
CA LYS A 48 -5.80 -0.57 -7.39
C LYS A 48 -4.29 -0.76 -7.46
N ILE A 49 -3.84 -1.96 -7.09
CA ILE A 49 -2.42 -2.26 -7.11
C ILE A 49 -2.15 -3.54 -7.90
N LYS A 50 -0.91 -3.73 -8.31
CA LYS A 50 -0.54 -4.92 -9.07
C LYS A 50 0.75 -5.53 -8.54
N LYS A 51 0.76 -6.85 -8.39
CA LYS A 51 1.95 -7.54 -7.89
C LYS A 51 3.18 -7.12 -8.67
N GLY A 52 4.24 -6.76 -7.94
CA GLY A 52 5.48 -6.34 -8.56
C GLY A 52 5.59 -4.80 -8.57
N ASP A 53 4.46 -4.13 -8.39
CA ASP A 53 4.44 -2.67 -8.37
C ASP A 53 5.07 -2.14 -7.09
N ILE A 54 5.57 -0.91 -7.15
CA ILE A 54 6.20 -0.30 -5.98
C ILE A 54 5.37 0.90 -5.51
N ILE A 55 5.04 0.91 -4.23
CA ILE A 55 4.25 1.99 -3.66
C ILE A 55 5.04 2.72 -2.56
N ASP A 56 5.09 4.04 -2.67
CA ASP A 56 5.81 4.83 -1.68
C ASP A 56 5.02 4.90 -0.38
N ILE A 57 5.63 4.43 0.71
CA ILE A 57 4.96 4.44 2.01
C ILE A 57 4.83 5.87 2.53
N ILE A 58 3.61 6.26 2.86
CA ILE A 58 3.36 7.61 3.37
C ILE A 58 2.99 7.57 4.85
N CYS A 59 2.13 6.62 5.21
CA CYS A 59 1.69 6.48 6.60
C CYS A 59 1.46 5.02 6.95
N LYS A 60 1.87 4.63 8.15
CA LYS A 60 1.70 3.25 8.59
C LYS A 60 0.83 3.20 9.84
N THR A 61 0.16 2.06 10.05
CA THR A 61 -0.69 1.92 11.22
C THR A 61 -0.43 0.57 11.90
N PRO A 62 -0.68 0.48 13.18
CA PRO A 62 -0.47 -0.78 13.95
C PRO A 62 -1.37 -1.91 13.47
N MET A 63 -0.75 -2.95 12.90
CA MET A 63 -1.49 -4.09 12.40
C MET A 63 -2.67 -3.63 11.55
N GLY A 64 -2.50 -2.50 10.87
CA GLY A 64 -3.56 -1.96 10.03
C GLY A 64 -3.09 -1.77 8.60
N MET A 65 -4.01 -1.44 7.72
CA MET A 65 -3.69 -1.25 6.31
C MET A 65 -2.66 -0.12 6.16
N TRP A 66 -1.81 -0.25 5.14
CA TRP A 66 -0.77 0.75 4.90
C TRP A 66 -1.23 1.77 3.86
N THR A 67 -0.72 2.99 3.98
CA THR A 67 -1.07 4.05 3.06
C THR A 67 0.17 4.49 2.28
N GLY A 68 -0.01 4.72 0.99
CA GLY A 68 1.11 5.14 0.15
C GLY A 68 0.61 5.74 -1.17
N MET A 69 1.53 5.90 -2.11
CA MET A 69 1.17 6.49 -3.40
C MET A 69 1.61 5.56 -4.54
N LEU A 70 0.75 5.42 -5.53
CA LEU A 70 1.04 4.57 -6.67
C LEU A 70 0.70 5.27 -7.98
N ASN A 71 1.71 5.54 -8.79
CA ASN A 71 1.49 6.20 -10.07
C ASN A 71 0.70 7.49 -9.88
N ASN A 72 1.23 8.39 -9.07
CA ASN A 72 0.57 9.66 -8.82
C ASN A 72 -0.84 9.43 -8.29
N LYS A 73 -1.00 8.39 -7.47
CA LYS A 73 -2.30 8.09 -6.90
C LYS A 73 -2.16 7.67 -5.43
N VAL A 74 -2.66 8.51 -4.53
CA VAL A 74 -2.56 8.21 -3.10
C VAL A 74 -3.82 7.50 -2.62
N GLY A 75 -3.63 6.36 -1.95
CA GLY A 75 -4.75 5.59 -1.44
C GLY A 75 -4.29 4.59 -0.38
N ASN A 76 -5.23 3.79 0.11
CA ASN A 76 -4.91 2.81 1.13
C ASN A 76 -4.95 1.39 0.55
N PHE A 77 -4.24 0.48 1.20
CA PHE A 77 -4.18 -0.91 0.75
C PHE A 77 -3.84 -1.84 1.90
N LYS A 78 -4.21 -3.11 1.75
CA LYS A 78 -3.95 -4.09 2.80
C LYS A 78 -2.45 -4.32 2.95
N PHE A 79 -1.93 -4.01 4.14
CA PHE A 79 -0.51 -4.17 4.40
C PHE A 79 -0.09 -5.63 4.24
N ILE A 80 -1.05 -6.54 4.42
CA ILE A 80 -0.76 -7.97 4.30
C ILE A 80 -0.31 -8.30 2.87
N TYR A 81 -0.97 -7.67 1.91
CA TYR A 81 -0.64 -7.91 0.50
C TYR A 81 0.53 -7.04 0.05
N VAL A 82 1.10 -6.29 1.00
CA VAL A 82 2.23 -5.41 0.69
C VAL A 82 3.41 -5.70 1.62
N ASP A 83 4.59 -5.75 1.05
CA ASP A 83 5.79 -6.00 1.84
C ASP A 83 6.67 -4.76 1.88
N VAL A 84 7.29 -4.52 3.03
CA VAL A 84 8.15 -3.36 3.20
C VAL A 84 9.59 -3.68 2.80
N ILE A 85 10.12 -2.93 1.85
CA ILE A 85 11.49 -3.14 1.40
C ILE A 85 12.28 -1.84 1.42
N SER A 86 13.60 -1.94 1.45
CA SER A 86 14.45 -0.76 1.47
C SER A 86 14.80 -0.35 0.04
N GLU A 87 14.50 0.92 -0.30
CA GLU A 87 14.79 1.42 -1.63
C GLU A 87 14.13 0.56 -2.70
N GLY A 25 10.06 -1.10 15.58
CA GLY A 25 10.59 0.21 15.09
C GLY A 25 10.33 0.33 13.59
N PRO A 26 9.10 0.55 13.23
CA PRO A 26 8.69 0.69 11.79
C PRO A 26 9.14 2.03 11.20
N PHE A 27 9.55 2.01 9.93
CA PHE A 27 9.99 3.21 9.26
C PHE A 27 9.46 3.27 7.83
N CYS A 28 9.27 4.48 7.32
CA CYS A 28 8.76 4.65 5.97
C CYS A 28 9.82 4.22 4.97
N GLY A 29 9.38 3.98 3.75
CA GLY A 29 10.28 3.55 2.68
C GLY A 29 9.50 3.10 1.45
N ARG A 30 9.95 2.01 0.84
CA ARG A 30 9.28 1.49 -0.35
C ARG A 30 8.60 0.16 -0.05
N ALA A 31 7.43 -0.05 -0.65
CA ALA A 31 6.69 -1.28 -0.43
C ALA A 31 6.44 -2.00 -1.75
N ARG A 32 6.54 -3.32 -1.74
CA ARG A 32 6.31 -4.11 -2.95
C ARG A 32 5.10 -5.01 -2.77
N VAL A 33 4.23 -5.00 -3.77
CA VAL A 33 3.01 -5.81 -3.71
C VAL A 33 3.30 -7.25 -4.13
N HIS A 34 2.94 -8.18 -3.27
CA HIS A 34 3.14 -9.59 -3.55
C HIS A 34 1.81 -10.33 -3.71
N THR A 35 0.72 -9.68 -3.30
CA THR A 35 -0.60 -10.28 -3.40
C THR A 35 -1.55 -9.34 -4.14
N ASP A 36 -2.26 -9.87 -5.12
CA ASP A 36 -3.18 -9.06 -5.91
C ASP A 36 -4.33 -8.56 -5.02
N PHE A 37 -4.48 -7.25 -4.96
CA PHE A 37 -5.54 -6.65 -4.15
C PHE A 37 -6.52 -5.88 -5.02
N THR A 38 -7.80 -6.17 -4.88
CA THR A 38 -8.83 -5.48 -5.65
C THR A 38 -9.99 -5.05 -4.75
N PRO A 39 -9.96 -3.83 -4.22
CA PRO A 39 -11.04 -3.32 -3.34
C PRO A 39 -12.33 -3.06 -4.10
N SER A 40 -13.47 -3.17 -3.41
CA SER A 40 -14.77 -2.95 -4.02
C SER A 40 -14.97 -1.47 -4.33
N PRO A 41 -15.81 -1.13 -5.29
CA PRO A 41 -16.09 0.29 -5.66
C PRO A 41 -16.71 1.08 -4.51
N TYR A 42 -17.33 0.36 -3.57
CA TYR A 42 -17.97 1.00 -2.42
C TYR A 42 -16.94 1.71 -1.56
N ASP A 43 -15.70 1.24 -1.62
CA ASP A 43 -14.63 1.84 -0.85
C ASP A 43 -14.37 3.28 -1.31
N THR A 44 -14.05 4.16 -0.37
CA THR A 44 -13.79 5.55 -0.70
C THR A 44 -12.35 5.73 -1.14
N ASP A 45 -11.46 4.89 -0.62
CA ASP A 45 -10.05 4.98 -0.98
C ASP A 45 -9.66 3.93 -2.02
N SER A 46 -10.64 3.10 -2.44
CA SER A 46 -10.41 2.02 -3.41
C SER A 46 -9.17 2.25 -4.26
N LEU A 47 -8.07 1.64 -3.85
CA LEU A 47 -6.82 1.77 -4.55
C LEU A 47 -6.49 0.51 -5.35
N LYS A 48 -6.09 0.69 -6.60
CA LYS A 48 -5.74 -0.43 -7.46
C LYS A 48 -4.23 -0.67 -7.45
N ILE A 49 -3.82 -1.90 -7.20
CA ILE A 49 -2.41 -2.24 -7.18
C ILE A 49 -2.17 -3.55 -7.92
N LYS A 50 -0.92 -3.78 -8.32
CA LYS A 50 -0.56 -5.00 -9.03
C LYS A 50 0.75 -5.56 -8.51
N LYS A 51 0.78 -6.88 -8.27
CA LYS A 51 1.99 -7.52 -7.77
C LYS A 51 3.20 -7.12 -8.61
N GLY A 52 4.31 -6.83 -7.93
CA GLY A 52 5.54 -6.43 -8.61
C GLY A 52 5.68 -4.91 -8.63
N ASP A 53 4.58 -4.21 -8.40
CA ASP A 53 4.60 -2.75 -8.39
C ASP A 53 5.15 -2.23 -7.07
N ILE A 54 5.65 -1.00 -7.07
CA ILE A 54 6.20 -0.41 -5.86
C ILE A 54 5.36 0.79 -5.43
N ILE A 55 4.97 0.79 -4.15
CA ILE A 55 4.15 1.87 -3.61
C ILE A 55 4.96 2.72 -2.63
N ASP A 56 4.87 4.04 -2.79
CA ASP A 56 5.60 4.94 -1.91
C ASP A 56 4.86 5.08 -0.58
N ILE A 57 5.48 4.59 0.49
CA ILE A 57 4.85 4.65 1.82
C ILE A 57 4.78 6.10 2.29
N ILE A 58 3.58 6.54 2.66
CA ILE A 58 3.38 7.89 3.13
C ILE A 58 3.18 7.91 4.64
N CYS A 59 2.26 7.07 5.11
CA CYS A 59 1.98 6.99 6.54
C CYS A 59 1.78 5.54 6.98
N LYS A 60 2.13 5.25 8.22
CA LYS A 60 1.99 3.92 8.76
C LYS A 60 1.31 3.96 10.13
N THR A 61 0.76 2.83 10.54
CA THR A 61 0.08 2.75 11.84
C THR A 61 0.54 1.52 12.60
N PRO A 62 0.39 1.51 13.91
CA PRO A 62 0.81 0.36 14.77
C PRO A 62 0.21 -0.96 14.29
N MET A 63 -1.05 -0.91 13.86
CA MET A 63 -1.73 -2.10 13.37
C MET A 63 -2.95 -1.72 12.54
N GLY A 64 -2.76 -1.56 11.24
CA GLY A 64 -3.86 -1.19 10.36
C GLY A 64 -3.38 -1.07 8.92
N MET A 65 -4.30 -0.70 8.03
CA MET A 65 -3.95 -0.55 6.61
C MET A 65 -2.90 0.54 6.43
N TRP A 66 -2.06 0.35 5.42
CA TRP A 66 -1.00 1.32 5.14
C TRP A 66 -1.42 2.29 4.04
N THR A 67 -0.93 3.53 4.16
CA THR A 67 -1.23 4.57 3.18
C THR A 67 -0.01 4.85 2.32
N GLY A 68 -0.22 4.91 1.01
CA GLY A 68 0.88 5.15 0.09
C GLY A 68 0.40 5.85 -1.19
N MET A 69 1.33 6.08 -2.11
CA MET A 69 1.00 6.75 -3.37
C MET A 69 1.36 5.85 -4.55
N LEU A 70 0.50 5.88 -5.56
CA LEU A 70 0.71 5.07 -6.76
C LEU A 70 0.30 5.86 -8.01
N ASN A 71 1.28 6.24 -8.82
CA ASN A 71 0.99 6.99 -10.04
C ASN A 71 0.19 8.25 -9.71
N ASN A 72 0.73 9.09 -8.84
CA ASN A 72 0.05 10.31 -8.45
C ASN A 72 -1.35 10.00 -7.91
N LYS A 73 -1.46 8.88 -7.19
CA LYS A 73 -2.74 8.51 -6.61
C LYS A 73 -2.55 7.98 -5.19
N VAL A 74 -3.05 8.72 -4.20
CA VAL A 74 -2.91 8.30 -2.81
C VAL A 74 -4.13 7.50 -2.37
N GLY A 75 -3.88 6.29 -1.83
CA GLY A 75 -4.97 5.45 -1.39
C GLY A 75 -4.51 4.49 -0.30
N ASN A 76 -5.44 3.70 0.22
CA ASN A 76 -5.13 2.75 1.28
C ASN A 76 -5.12 1.31 0.74
N PHE A 77 -4.37 0.45 1.41
CA PHE A 77 -4.28 -0.96 1.00
C PHE A 77 -3.89 -1.84 2.17
N LYS A 78 -4.11 -3.14 2.02
CA LYS A 78 -3.79 -4.08 3.08
C LYS A 78 -2.29 -4.34 3.14
N PHE A 79 -1.68 -3.95 4.26
CA PHE A 79 -0.26 -4.15 4.44
C PHE A 79 0.11 -5.63 4.32
N ILE A 80 -0.86 -6.50 4.55
CA ILE A 80 -0.61 -7.93 4.47
C ILE A 80 -0.28 -8.34 3.02
N TYR A 81 -0.99 -7.73 2.08
CA TYR A 81 -0.81 -8.02 0.67
C TYR A 81 0.42 -7.30 0.11
N VAL A 82 1.10 -6.54 0.96
CA VAL A 82 2.30 -5.81 0.53
C VAL A 82 3.45 -6.07 1.49
N ASP A 83 4.67 -5.86 1.02
CA ASP A 83 5.85 -6.08 1.85
C ASP A 83 6.66 -4.79 1.96
N VAL A 84 7.19 -4.53 3.15
CA VAL A 84 7.99 -3.33 3.38
C VAL A 84 9.46 -3.61 3.13
N ILE A 85 10.07 -2.78 2.27
CA ILE A 85 11.48 -2.93 1.95
C ILE A 85 12.21 -1.60 2.12
N SER A 86 13.51 -1.69 2.38
CA SER A 86 14.33 -0.48 2.56
C SER A 86 15.30 -0.31 1.39
N GLU A 87 15.33 0.89 0.83
CA GLU A 87 16.20 1.19 -0.29
C GLU A 87 16.08 0.11 -1.37
N GLY A 25 12.00 4.24 15.22
CA GLY A 25 11.39 2.88 15.21
C GLY A 25 10.85 2.57 13.82
N PRO A 26 9.87 3.31 13.40
CA PRO A 26 9.23 3.12 12.05
C PRO A 26 10.24 3.27 10.92
N PHE A 27 10.07 2.49 9.86
CA PHE A 27 10.97 2.55 8.71
C PHE A 27 10.26 3.10 7.49
N CYS A 28 10.94 3.96 6.75
CA CYS A 28 10.35 4.57 5.56
C CYS A 28 11.10 4.10 4.32
N GLY A 29 10.37 3.95 3.22
CA GLY A 29 10.97 3.50 1.96
C GLY A 29 9.89 3.09 0.96
N ARG A 30 10.16 2.01 0.23
CA ARG A 30 9.22 1.51 -0.77
C ARG A 30 8.73 0.12 -0.40
N ALA A 31 7.55 -0.24 -0.88
CA ALA A 31 6.98 -1.55 -0.60
C ALA A 31 6.67 -2.29 -1.90
N ARG A 32 7.00 -3.58 -1.94
CA ARG A 32 6.76 -4.38 -3.12
C ARG A 32 5.49 -5.20 -2.95
N VAL A 33 4.51 -4.95 -3.83
CA VAL A 33 3.25 -5.68 -3.75
C VAL A 33 3.43 -7.14 -4.15
N HIS A 34 2.93 -8.04 -3.31
CA HIS A 34 3.03 -9.47 -3.58
C HIS A 34 1.67 -10.05 -3.95
N THR A 35 0.60 -9.37 -3.55
CA THR A 35 -0.74 -9.86 -3.86
C THR A 35 -1.54 -8.77 -4.56
N ASP A 36 -2.58 -9.18 -5.29
CA ASP A 36 -3.42 -8.23 -6.00
C ASP A 36 -4.59 -7.79 -5.14
N PHE A 37 -4.64 -6.50 -4.82
CA PHE A 37 -5.73 -5.97 -4.02
C PHE A 37 -6.53 -4.96 -4.82
N THR A 38 -7.81 -5.27 -5.04
CA THR A 38 -8.67 -4.37 -5.81
C THR A 38 -9.83 -3.86 -4.95
N PRO A 39 -10.21 -2.61 -5.10
CA PRO A 39 -11.33 -2.01 -4.31
C PRO A 39 -12.69 -2.52 -4.77
N SER A 40 -13.66 -2.49 -3.86
CA SER A 40 -15.01 -2.96 -4.18
C SER A 40 -15.72 -1.94 -5.09
N PRO A 41 -16.81 -2.33 -5.69
CA PRO A 41 -17.59 -1.44 -6.61
C PRO A 41 -17.99 -0.12 -5.97
N TYR A 42 -18.43 -0.19 -4.71
CA TYR A 42 -18.84 0.99 -3.98
C TYR A 42 -17.72 1.52 -3.09
N ASP A 43 -16.51 0.98 -3.28
CA ASP A 43 -15.37 1.40 -2.48
C ASP A 43 -14.37 2.15 -3.34
N THR A 44 -14.21 3.43 -3.09
CA THR A 44 -13.26 4.24 -3.84
C THR A 44 -12.10 4.67 -2.95
N ASP A 45 -12.34 4.70 -1.64
CA ASP A 45 -11.31 5.08 -0.68
C ASP A 45 -10.17 4.08 -0.72
N SER A 46 -10.50 2.80 -0.87
CA SER A 46 -9.48 1.75 -0.92
C SER A 46 -8.55 1.95 -2.10
N LEU A 47 -7.27 1.69 -1.88
CA LEU A 47 -6.28 1.85 -2.93
C LEU A 47 -6.12 0.57 -3.73
N LYS A 48 -5.90 0.70 -5.04
CA LYS A 48 -5.72 -0.46 -5.90
C LYS A 48 -4.23 -0.75 -6.11
N ILE A 49 -3.85 -2.02 -6.06
CA ILE A 49 -2.45 -2.39 -6.24
C ILE A 49 -2.35 -3.69 -7.04
N LYS A 50 -1.31 -3.80 -7.87
CA LYS A 50 -1.12 -5.01 -8.67
C LYS A 50 0.20 -5.69 -8.30
N LYS A 51 0.25 -6.99 -8.48
CA LYS A 51 1.46 -7.74 -8.16
C LYS A 51 2.63 -7.25 -9.01
N GLY A 52 3.74 -6.96 -8.34
CA GLY A 52 4.93 -6.47 -9.04
C GLY A 52 5.05 -4.95 -8.92
N ASP A 53 3.93 -4.27 -8.66
CA ASP A 53 3.95 -2.83 -8.51
C ASP A 53 4.63 -2.43 -7.20
N ILE A 54 5.17 -1.21 -7.16
CA ILE A 54 5.84 -0.71 -5.97
C ILE A 54 5.14 0.54 -5.46
N ILE A 55 4.89 0.58 -4.15
CA ILE A 55 4.23 1.72 -3.54
C ILE A 55 5.14 2.41 -2.53
N ASP A 56 5.23 3.74 -2.62
CA ASP A 56 6.06 4.50 -1.70
C ASP A 56 5.38 4.60 -0.34
N ILE A 57 6.08 4.14 0.70
CA ILE A 57 5.55 4.17 2.06
C ILE A 57 5.44 5.60 2.56
N ILE A 58 4.27 5.95 3.07
CA ILE A 58 4.04 7.30 3.59
C ILE A 58 3.91 7.27 5.11
N CYS A 59 3.01 6.44 5.61
CA CYS A 59 2.80 6.34 7.06
C CYS A 59 2.01 5.08 7.42
N LYS A 60 2.30 4.52 8.59
CA LYS A 60 1.61 3.31 9.03
C LYS A 60 0.40 3.66 9.87
N THR A 61 -0.65 2.87 9.77
CA THR A 61 -1.86 3.13 10.54
C THR A 61 -1.95 2.17 11.74
N PRO A 62 -2.64 2.57 12.79
CA PRO A 62 -2.80 1.71 14.01
C PRO A 62 -3.54 0.41 13.70
N MET A 63 -4.36 0.44 12.65
CA MET A 63 -5.11 -0.75 12.26
C MET A 63 -4.18 -1.82 11.69
N GLY A 64 -3.01 -1.39 11.22
CA GLY A 64 -2.03 -2.30 10.64
C GLY A 64 -1.84 -2.02 9.16
N MET A 65 -2.86 -1.46 8.53
CA MET A 65 -2.79 -1.13 7.11
C MET A 65 -1.73 -0.06 6.85
N TRP A 66 -1.09 -0.14 5.69
CA TRP A 66 -0.04 0.81 5.33
C TRP A 66 -0.57 1.86 4.34
N THR A 67 -0.06 3.07 4.47
CA THR A 67 -0.45 4.16 3.59
C THR A 67 0.70 4.49 2.65
N GLY A 68 0.38 4.68 1.37
CA GLY A 68 1.39 5.00 0.37
C GLY A 68 0.77 5.76 -0.80
N MET A 69 1.60 6.05 -1.80
CA MET A 69 1.15 6.79 -2.98
C MET A 69 1.30 5.95 -4.24
N LEU A 70 0.31 6.04 -5.13
CA LEU A 70 0.34 5.30 -6.38
C LEU A 70 -0.27 6.12 -7.51
N ASN A 71 0.55 6.51 -8.48
CA ASN A 71 0.07 7.29 -9.61
C ASN A 71 -0.58 8.57 -9.10
N ASN A 72 0.17 9.35 -8.32
CA ASN A 72 -0.35 10.60 -7.78
C ASN A 72 -1.66 10.36 -7.03
N LYS A 73 -1.75 9.22 -6.36
CA LYS A 73 -2.95 8.90 -5.60
C LYS A 73 -2.59 8.25 -4.26
N VAL A 74 -2.90 8.93 -3.17
CA VAL A 74 -2.60 8.40 -1.85
C VAL A 74 -3.79 7.63 -1.30
N GLY A 75 -3.55 6.40 -0.85
CA GLY A 75 -4.61 5.58 -0.31
C GLY A 75 -4.05 4.51 0.63
N ASN A 76 -4.93 3.70 1.20
CA ASN A 76 -4.53 2.65 2.11
C ASN A 76 -4.60 1.28 1.44
N PHE A 77 -3.86 0.33 1.99
CA PHE A 77 -3.82 -1.03 1.45
C PHE A 77 -3.42 -2.03 2.52
N LYS A 78 -3.73 -3.30 2.27
CA LYS A 78 -3.42 -4.36 3.22
C LYS A 78 -1.92 -4.53 3.39
N PHE A 79 -1.45 -4.26 4.60
CA PHE A 79 -0.03 -4.39 4.89
C PHE A 79 0.46 -5.80 4.60
N ILE A 80 -0.44 -6.76 4.73
CA ILE A 80 -0.10 -8.16 4.45
C ILE A 80 0.02 -8.41 2.94
N TYR A 81 -0.81 -7.70 2.18
CA TYR A 81 -0.82 -7.82 0.71
C TYR A 81 0.42 -7.17 0.12
N VAL A 82 1.03 -6.28 0.90
CA VAL A 82 2.23 -5.61 0.44
C VAL A 82 3.42 -6.01 1.32
N ASP A 83 4.62 -5.81 0.78
CA ASP A 83 5.83 -6.15 1.52
C ASP A 83 6.80 -4.98 1.54
N VAL A 84 7.58 -4.88 2.60
CA VAL A 84 8.54 -3.79 2.72
C VAL A 84 9.91 -4.21 2.18
N ILE A 85 10.53 -3.33 1.40
CA ILE A 85 11.84 -3.64 0.83
C ILE A 85 12.86 -2.59 1.27
N SER A 86 14.13 -2.96 1.21
CA SER A 86 15.20 -2.04 1.62
C SER A 86 15.20 -0.80 0.74
N GLU A 87 15.41 0.36 1.36
CA GLU A 87 15.42 1.61 0.62
C GLU A 87 14.13 1.81 -0.15
N GLY A 25 12.00 4.24 15.22
CA GLY A 25 11.39 2.88 15.21
C GLY A 25 10.85 2.57 13.82
N PRO A 26 9.87 3.31 13.40
CA PRO A 26 9.23 3.12 12.05
C PRO A 26 10.24 3.27 10.92
N PHE A 27 10.07 2.49 9.86
CA PHE A 27 10.97 2.55 8.71
C PHE A 27 10.26 3.10 7.49
N CYS A 28 10.94 3.96 6.75
CA CYS A 28 10.35 4.57 5.56
C CYS A 28 11.10 4.10 4.32
N GLY A 29 10.37 3.95 3.22
CA GLY A 29 10.97 3.50 1.96
C GLY A 29 9.89 3.09 0.96
N ARG A 30 10.16 2.01 0.23
CA ARG A 30 9.22 1.51 -0.77
C ARG A 30 8.73 0.12 -0.40
N ALA A 31 7.55 -0.24 -0.88
CA ALA A 31 6.98 -1.55 -0.60
C ALA A 31 6.67 -2.29 -1.90
N ARG A 32 7.00 -3.58 -1.94
CA ARG A 32 6.76 -4.38 -3.12
C ARG A 32 5.49 -5.20 -2.95
N VAL A 33 4.51 -4.95 -3.83
CA VAL A 33 3.25 -5.68 -3.75
C VAL A 33 3.43 -7.14 -4.15
N HIS A 34 2.93 -8.04 -3.31
CA HIS A 34 3.03 -9.47 -3.58
C HIS A 34 1.67 -10.05 -3.95
N THR A 35 0.60 -9.37 -3.55
CA THR A 35 -0.74 -9.86 -3.86
C THR A 35 -1.54 -8.77 -4.56
N ASP A 36 -2.58 -9.18 -5.29
CA ASP A 36 -3.42 -8.23 -6.00
C ASP A 36 -4.59 -7.79 -5.14
N PHE A 37 -4.64 -6.50 -4.82
CA PHE A 37 -5.73 -5.97 -4.02
C PHE A 37 -6.53 -4.96 -4.82
N THR A 38 -7.81 -5.27 -5.04
CA THR A 38 -8.67 -4.37 -5.81
C THR A 38 -9.83 -3.86 -4.95
N PRO A 39 -10.21 -2.61 -5.10
CA PRO A 39 -11.33 -2.01 -4.31
C PRO A 39 -12.69 -2.52 -4.77
N SER A 40 -13.66 -2.49 -3.86
CA SER A 40 -15.01 -2.96 -4.18
C SER A 40 -15.72 -1.94 -5.09
N PRO A 41 -16.81 -2.33 -5.69
CA PRO A 41 -17.59 -1.44 -6.61
C PRO A 41 -17.99 -0.12 -5.97
N TYR A 42 -18.43 -0.19 -4.71
CA TYR A 42 -18.84 0.99 -3.98
C TYR A 42 -17.72 1.52 -3.09
N ASP A 43 -16.51 0.98 -3.28
CA ASP A 43 -15.37 1.40 -2.48
C ASP A 43 -14.37 2.15 -3.34
N THR A 44 -14.21 3.43 -3.09
CA THR A 44 -13.26 4.24 -3.84
C THR A 44 -12.10 4.67 -2.95
N ASP A 45 -12.34 4.70 -1.64
CA ASP A 45 -11.31 5.08 -0.68
C ASP A 45 -10.17 4.08 -0.72
N SER A 46 -10.50 2.80 -0.87
CA SER A 46 -9.48 1.75 -0.92
C SER A 46 -8.55 1.95 -2.10
N LEU A 47 -7.27 1.69 -1.88
CA LEU A 47 -6.28 1.85 -2.93
C LEU A 47 -6.12 0.57 -3.73
N LYS A 48 -5.90 0.70 -5.04
CA LYS A 48 -5.72 -0.46 -5.90
C LYS A 48 -4.23 -0.75 -6.11
N ILE A 49 -3.85 -2.02 -6.06
CA ILE A 49 -2.45 -2.39 -6.24
C ILE A 49 -2.35 -3.69 -7.04
N LYS A 50 -1.31 -3.80 -7.87
CA LYS A 50 -1.12 -5.01 -8.67
C LYS A 50 0.20 -5.69 -8.30
N LYS A 51 0.25 -6.99 -8.48
CA LYS A 51 1.46 -7.74 -8.16
C LYS A 51 2.63 -7.25 -9.01
N GLY A 52 3.74 -6.96 -8.34
CA GLY A 52 4.93 -6.47 -9.04
C GLY A 52 5.05 -4.95 -8.92
N ASP A 53 3.93 -4.27 -8.66
CA ASP A 53 3.95 -2.83 -8.51
C ASP A 53 4.63 -2.43 -7.20
N ILE A 54 5.17 -1.21 -7.16
CA ILE A 54 5.84 -0.71 -5.97
C ILE A 54 5.14 0.54 -5.46
N ILE A 55 4.89 0.58 -4.15
CA ILE A 55 4.23 1.72 -3.54
C ILE A 55 5.14 2.41 -2.53
N ASP A 56 5.23 3.74 -2.62
CA ASP A 56 6.06 4.50 -1.70
C ASP A 56 5.38 4.60 -0.34
N ILE A 57 6.08 4.14 0.70
CA ILE A 57 5.55 4.17 2.06
C ILE A 57 5.44 5.60 2.56
N ILE A 58 4.27 5.95 3.07
CA ILE A 58 4.04 7.30 3.59
C ILE A 58 3.91 7.27 5.11
N CYS A 59 3.01 6.44 5.61
CA CYS A 59 2.80 6.34 7.06
C CYS A 59 2.01 5.08 7.42
N LYS A 60 2.30 4.52 8.59
CA LYS A 60 1.61 3.31 9.03
C LYS A 60 0.40 3.66 9.87
N THR A 61 -0.65 2.87 9.77
CA THR A 61 -1.86 3.13 10.54
C THR A 61 -1.95 2.17 11.74
N PRO A 62 -2.64 2.57 12.79
CA PRO A 62 -2.80 1.71 14.01
C PRO A 62 -3.54 0.41 13.70
N MET A 63 -4.36 0.44 12.65
CA MET A 63 -5.11 -0.75 12.26
C MET A 63 -4.18 -1.82 11.69
N GLY A 64 -3.01 -1.39 11.22
CA GLY A 64 -2.03 -2.30 10.64
C GLY A 64 -1.84 -2.02 9.16
N MET A 65 -2.86 -1.46 8.53
CA MET A 65 -2.79 -1.13 7.11
C MET A 65 -1.73 -0.06 6.85
N TRP A 66 -1.09 -0.14 5.69
CA TRP A 66 -0.04 0.81 5.33
C TRP A 66 -0.57 1.86 4.34
N THR A 67 -0.06 3.07 4.47
CA THR A 67 -0.45 4.16 3.59
C THR A 67 0.70 4.49 2.65
N GLY A 68 0.38 4.68 1.37
CA GLY A 68 1.39 5.00 0.37
C GLY A 68 0.77 5.76 -0.80
N MET A 69 1.60 6.05 -1.80
CA MET A 69 1.15 6.79 -2.98
C MET A 69 1.30 5.95 -4.24
N LEU A 70 0.31 6.04 -5.13
CA LEU A 70 0.34 5.30 -6.38
C LEU A 70 -0.27 6.12 -7.51
N ASN A 71 0.55 6.51 -8.48
CA ASN A 71 0.07 7.29 -9.61
C ASN A 71 -0.58 8.57 -9.10
N ASN A 72 0.17 9.35 -8.32
CA ASN A 72 -0.35 10.60 -7.78
C ASN A 72 -1.66 10.36 -7.03
N LYS A 73 -1.75 9.22 -6.36
CA LYS A 73 -2.95 8.90 -5.60
C LYS A 73 -2.59 8.25 -4.26
N VAL A 74 -2.90 8.93 -3.17
CA VAL A 74 -2.60 8.40 -1.85
C VAL A 74 -3.79 7.63 -1.30
N GLY A 75 -3.55 6.40 -0.85
CA GLY A 75 -4.61 5.58 -0.31
C GLY A 75 -4.05 4.51 0.63
N ASN A 76 -4.93 3.70 1.20
CA ASN A 76 -4.53 2.65 2.11
C ASN A 76 -4.60 1.28 1.44
N PHE A 77 -3.86 0.33 1.99
CA PHE A 77 -3.82 -1.03 1.45
C PHE A 77 -3.42 -2.03 2.52
N LYS A 78 -3.73 -3.30 2.27
CA LYS A 78 -3.42 -4.36 3.22
C LYS A 78 -1.92 -4.53 3.39
N PHE A 79 -1.45 -4.26 4.60
CA PHE A 79 -0.03 -4.39 4.89
C PHE A 79 0.46 -5.80 4.60
N ILE A 80 -0.44 -6.76 4.73
CA ILE A 80 -0.10 -8.16 4.45
C ILE A 80 0.02 -8.41 2.94
N TYR A 81 -0.81 -7.70 2.18
CA TYR A 81 -0.82 -7.82 0.71
C TYR A 81 0.42 -7.17 0.12
N VAL A 82 1.03 -6.28 0.90
CA VAL A 82 2.23 -5.61 0.44
C VAL A 82 3.42 -6.01 1.32
N ASP A 83 4.62 -5.81 0.78
CA ASP A 83 5.83 -6.15 1.52
C ASP A 83 6.80 -4.98 1.54
N VAL A 84 7.58 -4.88 2.60
CA VAL A 84 8.54 -3.79 2.72
C VAL A 84 9.91 -4.21 2.18
N ILE A 85 10.53 -3.33 1.40
CA ILE A 85 11.84 -3.64 0.83
C ILE A 85 12.86 -2.59 1.27
N SER A 86 14.13 -2.96 1.21
CA SER A 86 15.20 -2.04 1.62
C SER A 86 15.20 -0.80 0.74
N GLU A 87 15.41 0.36 1.36
CA GLU A 87 15.42 1.61 0.62
C GLU A 87 14.13 1.81 -0.15
N GLY A 25 11.23 2.21 16.47
CA GLY A 25 9.89 2.77 16.13
C GLY A 25 9.51 2.35 14.71
N PRO A 26 8.51 2.97 14.16
CA PRO A 26 8.02 2.66 12.77
C PRO A 26 9.12 2.87 11.73
N PHE A 27 9.09 2.05 10.68
CA PHE A 27 10.08 2.15 9.62
C PHE A 27 9.41 2.51 8.29
N CYS A 28 10.15 3.21 7.43
CA CYS A 28 9.61 3.60 6.14
C CYS A 28 10.55 3.14 5.03
N GLY A 29 9.99 2.94 3.84
CA GLY A 29 10.77 2.49 2.70
C GLY A 29 9.90 2.32 1.47
N ARG A 30 9.94 1.13 0.88
CA ARG A 30 9.16 0.83 -0.31
C ARG A 30 8.38 -0.45 -0.13
N ALA A 31 7.14 -0.46 -0.64
CA ALA A 31 6.29 -1.63 -0.54
C ALA A 31 6.16 -2.31 -1.91
N ARG A 32 6.61 -3.55 -1.98
CA ARG A 32 6.55 -4.30 -3.23
C ARG A 32 5.34 -5.22 -3.21
N VAL A 33 4.49 -5.08 -4.22
CA VAL A 33 3.27 -5.89 -4.30
C VAL A 33 3.59 -7.28 -4.84
N HIS A 34 3.18 -8.30 -4.09
CA HIS A 34 3.40 -9.68 -4.50
C HIS A 34 2.10 -10.33 -4.97
N THR A 35 0.97 -9.65 -4.75
CA THR A 35 -0.32 -10.18 -5.16
C THR A 35 -1.25 -9.04 -5.60
N ASP A 36 -2.16 -9.35 -6.52
CA ASP A 36 -3.09 -8.34 -7.02
C ASP A 36 -4.24 -8.13 -6.04
N PHE A 37 -4.26 -6.96 -5.40
CA PHE A 37 -5.33 -6.64 -4.45
C PHE A 37 -6.06 -5.38 -4.90
N THR A 38 -7.39 -5.45 -4.93
CA THR A 38 -8.19 -4.30 -5.35
C THR A 38 -9.21 -3.92 -4.28
N PRO A 39 -9.61 -2.68 -4.22
CA PRO A 39 -10.60 -2.19 -3.21
C PRO A 39 -12.04 -2.59 -3.57
N SER A 40 -12.92 -2.58 -2.57
CA SER A 40 -14.31 -2.94 -2.80
C SER A 40 -15.03 -1.85 -3.59
N PRO A 41 -16.12 -2.19 -4.25
CA PRO A 41 -16.88 -1.20 -5.07
C PRO A 41 -17.26 0.05 -4.27
N TYR A 42 -17.71 -0.17 -3.03
CA TYR A 42 -18.09 0.94 -2.15
C TYR A 42 -16.86 1.51 -1.44
N ASP A 43 -15.75 0.78 -1.48
CA ASP A 43 -14.52 1.23 -0.83
C ASP A 43 -13.66 2.03 -1.80
N THR A 44 -13.67 3.35 -1.65
CA THR A 44 -12.88 4.21 -2.52
C THR A 44 -11.60 4.66 -1.83
N ASP A 45 -11.63 4.67 -0.50
CA ASP A 45 -10.47 5.08 0.28
C ASP A 45 -9.30 4.12 0.05
N SER A 46 -9.62 2.83 -0.08
CA SER A 46 -8.59 1.84 -0.32
C SER A 46 -8.08 1.93 -1.75
N LEU A 47 -6.77 1.95 -1.91
CA LEU A 47 -6.16 2.04 -3.24
C LEU A 47 -5.96 0.65 -3.82
N LYS A 48 -5.79 0.58 -5.14
CA LYS A 48 -5.59 -0.71 -5.80
C LYS A 48 -4.09 -0.95 -6.02
N ILE A 49 -3.69 -2.22 -5.94
CA ILE A 49 -2.29 -2.57 -6.14
C ILE A 49 -2.17 -3.77 -7.07
N LYS A 50 -1.08 -3.84 -7.83
CA LYS A 50 -0.87 -4.96 -8.76
C LYS A 50 0.52 -5.53 -8.57
N LYS A 51 0.67 -6.82 -8.84
CA LYS A 51 1.97 -7.47 -8.69
C LYS A 51 3.04 -6.74 -9.48
N GLY A 52 4.11 -6.37 -8.79
CA GLY A 52 5.22 -5.66 -9.42
C GLY A 52 5.15 -4.16 -9.14
N ASP A 53 3.98 -3.68 -8.72
CA ASP A 53 3.82 -2.26 -8.42
C ASP A 53 4.57 -1.90 -7.14
N ILE A 54 5.15 -0.71 -7.11
CA ILE A 54 5.88 -0.26 -5.93
C ILE A 54 5.19 0.96 -5.32
N ILE A 55 4.93 0.89 -4.03
CA ILE A 55 4.26 1.98 -3.31
C ILE A 55 5.15 2.55 -2.23
N ASP A 56 5.35 3.85 -2.24
CA ASP A 56 6.19 4.49 -1.23
C ASP A 56 5.44 4.64 0.08
N ILE A 57 6.09 4.31 1.18
CA ILE A 57 5.46 4.42 2.49
C ILE A 57 5.42 5.87 2.94
N ILE A 58 4.21 6.37 3.18
CA ILE A 58 4.05 7.75 3.63
C ILE A 58 3.64 7.80 5.10
N CYS A 59 2.60 7.06 5.45
CA CYS A 59 2.14 7.04 6.83
C CYS A 59 1.43 5.73 7.16
N LYS A 60 1.60 5.25 8.38
CA LYS A 60 0.97 4.00 8.79
C LYS A 60 -0.33 4.29 9.52
N THR A 61 -1.34 3.45 9.29
CA THR A 61 -2.62 3.67 9.95
C THR A 61 -2.75 2.76 11.19
N PRO A 62 -3.22 3.27 12.32
CA PRO A 62 -3.38 2.45 13.56
C PRO A 62 -4.14 1.14 13.31
N MET A 63 -5.08 1.18 12.38
CA MET A 63 -5.88 0.00 12.05
C MET A 63 -4.98 -1.12 11.56
N GLY A 64 -3.97 -0.76 10.78
CA GLY A 64 -3.03 -1.74 10.25
C GLY A 64 -2.65 -1.43 8.81
N MET A 65 -3.62 -0.99 8.02
CA MET A 65 -3.36 -0.67 6.63
C MET A 65 -2.35 0.47 6.50
N TRP A 66 -1.53 0.42 5.48
CA TRP A 66 -0.51 1.44 5.26
C TRP A 66 -0.98 2.46 4.23
N THR A 67 -0.45 3.68 4.34
CA THR A 67 -0.82 4.75 3.41
C THR A 67 0.37 5.08 2.51
N GLY A 68 0.10 5.22 1.21
CA GLY A 68 1.16 5.52 0.26
C GLY A 68 0.60 6.20 -1.00
N MET A 69 1.46 6.41 -1.99
CA MET A 69 1.04 7.05 -3.23
C MET A 69 1.27 6.11 -4.41
N LEU A 70 0.30 6.09 -5.32
CA LEU A 70 0.38 5.23 -6.50
C LEU A 70 -0.28 5.91 -7.69
N ASN A 71 0.46 6.03 -8.80
CA ASN A 71 -0.04 6.67 -10.01
C ASN A 71 -0.80 7.96 -9.69
N ASN A 72 -0.14 8.87 -8.99
CA ASN A 72 -0.76 10.14 -8.62
C ASN A 72 -2.05 9.91 -7.87
N LYS A 73 -2.09 8.84 -7.08
CA LYS A 73 -3.26 8.51 -6.30
C LYS A 73 -2.86 7.96 -4.93
N VAL A 74 -3.20 8.69 -3.88
CA VAL A 74 -2.86 8.23 -2.53
C VAL A 74 -4.04 7.53 -1.89
N GLY A 75 -3.77 6.44 -1.18
CA GLY A 75 -4.83 5.69 -0.53
C GLY A 75 -4.26 4.65 0.44
N ASN A 76 -5.15 3.87 1.05
CA ASN A 76 -4.73 2.86 2.00
C ASN A 76 -4.77 1.47 1.36
N PHE A 77 -3.88 0.60 1.81
CA PHE A 77 -3.83 -0.77 1.31
C PHE A 77 -3.40 -1.73 2.41
N LYS A 78 -3.73 -3.00 2.23
CA LYS A 78 -3.41 -4.01 3.23
C LYS A 78 -1.95 -4.47 3.08
N PHE A 79 -1.17 -4.22 4.11
CA PHE A 79 0.25 -4.60 4.10
C PHE A 79 0.41 -6.11 3.88
N ILE A 80 -0.62 -6.87 4.24
CA ILE A 80 -0.57 -8.31 4.08
C ILE A 80 -0.32 -8.69 2.63
N TYR A 81 -0.70 -7.80 1.73
CA TYR A 81 -0.52 -8.03 0.29
C TYR A 81 0.70 -7.28 -0.25
N VAL A 82 1.55 -6.79 0.66
CA VAL A 82 2.73 -6.05 0.26
C VAL A 82 3.90 -6.39 1.19
N ASP A 83 5.11 -6.20 0.71
CA ASP A 83 6.30 -6.46 1.51
C ASP A 83 7.26 -5.29 1.45
N VAL A 84 8.02 -5.08 2.52
CA VAL A 84 8.97 -3.97 2.54
C VAL A 84 10.35 -4.46 2.10
N ILE A 85 10.96 -3.71 1.18
CA ILE A 85 12.28 -4.06 0.67
C ILE A 85 13.25 -2.90 0.81
N SER A 86 14.53 -3.22 0.99
CA SER A 86 15.56 -2.19 1.13
C SER A 86 15.88 -1.57 -0.22
N GLU A 87 16.53 -0.40 -0.19
CA GLU A 87 16.90 0.28 -1.42
C GLU A 87 18.15 1.15 -1.19
N GLY A 25 9.98 3.68 16.04
CA GLY A 25 9.07 4.61 15.32
C GLY A 25 8.79 4.06 13.91
N PRO A 26 8.08 4.81 13.12
CA PRO A 26 7.74 4.41 11.71
C PRO A 26 8.96 4.46 10.80
N PHE A 27 8.89 3.69 9.71
CA PHE A 27 10.00 3.65 8.75
C PHE A 27 9.50 3.97 7.35
N CYS A 28 10.37 4.54 6.53
CA CYS A 28 10.00 4.89 5.16
C CYS A 28 10.85 4.10 4.17
N GLY A 29 10.23 3.69 3.07
CA GLY A 29 10.92 2.91 2.06
C GLY A 29 10.00 2.60 0.88
N ARG A 30 10.21 1.42 0.28
CA ARG A 30 9.39 1.03 -0.87
C ARG A 30 8.67 -0.28 -0.57
N ALA A 31 7.43 -0.40 -1.04
CA ALA A 31 6.64 -1.60 -0.81
C ALA A 31 6.37 -2.31 -2.13
N ARG A 32 6.69 -3.60 -2.19
CA ARG A 32 6.47 -4.40 -3.40
C ARG A 32 5.27 -5.30 -3.22
N VAL A 33 4.35 -5.26 -4.17
CA VAL A 33 3.15 -6.08 -4.12
C VAL A 33 3.43 -7.45 -4.73
N HIS A 34 3.04 -8.50 -4.01
CA HIS A 34 3.25 -9.86 -4.49
C HIS A 34 1.92 -10.54 -4.82
N THR A 35 0.81 -9.92 -4.40
CA THR A 35 -0.50 -10.48 -4.66
C THR A 35 -1.38 -9.48 -5.38
N ASP A 36 -2.57 -9.91 -5.77
CA ASP A 36 -3.49 -9.03 -6.48
C ASP A 36 -4.60 -8.55 -5.54
N PHE A 37 -4.59 -7.25 -5.24
CA PHE A 37 -5.60 -6.69 -4.35
C PHE A 37 -6.39 -5.61 -5.09
N THR A 38 -7.70 -5.84 -5.21
CA THR A 38 -8.57 -4.90 -5.89
C THR A 38 -9.86 -4.65 -5.06
N PRO A 39 -9.88 -3.61 -4.27
CA PRO A 39 -11.06 -3.29 -3.41
C PRO A 39 -12.26 -2.85 -4.24
N SER A 40 -13.46 -3.06 -3.69
CA SER A 40 -14.68 -2.70 -4.38
C SER A 40 -14.77 -1.19 -4.54
N PRO A 41 -15.49 -0.72 -5.54
CA PRO A 41 -15.66 0.74 -5.81
C PRO A 41 -16.31 1.47 -4.63
N TYR A 42 -17.00 0.71 -3.78
CA TYR A 42 -17.66 1.30 -2.63
C TYR A 42 -16.63 1.81 -1.63
N ASP A 43 -15.42 1.27 -1.70
CA ASP A 43 -14.34 1.70 -0.82
C ASP A 43 -13.42 2.67 -1.54
N THR A 44 -13.65 3.96 -1.33
CA THR A 44 -12.83 5.00 -1.96
C THR A 44 -11.49 5.11 -1.25
N ASP A 45 -11.49 4.88 0.05
CA ASP A 45 -10.27 4.95 0.84
C ASP A 45 -9.30 3.85 0.43
N SER A 46 -9.84 2.67 0.14
CA SER A 46 -9.02 1.54 -0.25
C SER A 46 -8.37 1.79 -1.61
N LEU A 47 -7.06 1.72 -1.65
CA LEU A 47 -6.31 1.94 -2.88
C LEU A 47 -6.23 0.65 -3.70
N LYS A 48 -6.04 0.79 -5.00
CA LYS A 48 -5.93 -0.38 -5.87
C LYS A 48 -4.47 -0.71 -6.15
N ILE A 49 -4.08 -1.96 -5.93
CA ILE A 49 -2.72 -2.38 -6.18
C ILE A 49 -2.69 -3.77 -6.83
N LYS A 50 -1.69 -4.01 -7.67
CA LYS A 50 -1.57 -5.29 -8.35
C LYS A 50 -0.18 -5.88 -8.14
N LYS A 51 -0.04 -7.18 -8.39
CA LYS A 51 1.25 -7.84 -8.23
C LYS A 51 2.30 -7.21 -9.15
N GLY A 52 3.40 -6.76 -8.56
CA GLY A 52 4.47 -6.15 -9.31
C GLY A 52 4.52 -4.65 -9.08
N ASP A 53 3.35 -4.05 -8.82
CA ASP A 53 3.28 -2.62 -8.57
C ASP A 53 3.99 -2.27 -7.26
N ILE A 54 4.62 -1.11 -7.22
CA ILE A 54 5.33 -0.67 -6.02
C ILE A 54 4.68 0.59 -5.45
N ILE A 55 4.44 0.58 -4.14
CA ILE A 55 3.83 1.72 -3.47
C ILE A 55 4.80 2.36 -2.49
N ASP A 56 4.98 3.68 -2.59
CA ASP A 56 5.90 4.38 -1.69
C ASP A 56 5.28 4.47 -0.31
N ILE A 57 5.99 3.95 0.69
CA ILE A 57 5.51 3.97 2.07
C ILE A 57 5.46 5.41 2.61
N ILE A 58 4.30 5.80 3.12
CA ILE A 58 4.14 7.13 3.67
C ILE A 58 4.01 7.07 5.19
N CYS A 59 3.05 6.26 5.66
CA CYS A 59 2.83 6.12 7.09
C CYS A 59 2.01 4.88 7.39
N LYS A 60 1.87 4.54 8.67
CA LYS A 60 1.10 3.36 9.07
C LYS A 60 -0.05 3.76 9.97
N THR A 61 -1.14 2.99 9.91
CA THR A 61 -2.29 3.29 10.74
C THR A 61 -2.64 2.11 11.66
N PRO A 62 -3.23 2.38 12.79
CA PRO A 62 -3.62 1.32 13.77
C PRO A 62 -4.75 0.44 13.25
N MET A 63 -5.50 0.96 12.29
CA MET A 63 -6.61 0.21 11.71
C MET A 63 -6.11 -1.09 11.09
N GLY A 64 -4.79 -1.18 10.88
CA GLY A 64 -4.23 -2.38 10.28
C GLY A 64 -4.02 -2.21 8.78
N MET A 65 -3.92 -0.96 8.36
CA MET A 65 -3.71 -0.67 6.94
C MET A 65 -2.50 0.25 6.76
N TRP A 66 -1.77 0.04 5.66
CA TRP A 66 -0.59 0.84 5.37
C TRP A 66 -0.94 1.94 4.36
N THR A 67 -0.35 3.11 4.55
CA THR A 67 -0.59 4.23 3.65
C THR A 67 0.61 4.45 2.76
N GLY A 68 0.35 4.59 1.45
CA GLY A 68 1.44 4.80 0.50
C GLY A 68 0.94 5.60 -0.71
N MET A 69 1.86 5.85 -1.65
CA MET A 69 1.52 6.60 -2.85
C MET A 69 1.66 5.73 -4.10
N LEU A 70 0.75 5.92 -5.04
CA LEU A 70 0.77 5.14 -6.28
C LEU A 70 0.34 6.01 -7.46
N ASN A 71 1.29 6.36 -8.32
CA ASN A 71 0.98 7.18 -9.49
C ASN A 71 0.25 8.44 -9.08
N ASN A 72 0.85 9.20 -8.15
CA ASN A 72 0.24 10.42 -7.67
C ASN A 72 -1.11 10.14 -7.02
N LYS A 73 -1.25 8.96 -6.43
CA LYS A 73 -2.49 8.59 -5.77
C LYS A 73 -2.20 7.90 -4.44
N VAL A 74 -2.55 8.56 -3.35
CA VAL A 74 -2.31 7.98 -2.02
C VAL A 74 -3.57 7.34 -1.48
N GLY A 75 -3.41 6.23 -0.76
CA GLY A 75 -4.54 5.53 -0.19
C GLY A 75 -4.07 4.44 0.78
N ASN A 76 -5.03 3.65 1.25
CA ASN A 76 -4.73 2.57 2.19
C ASN A 76 -4.72 1.23 1.50
N PHE A 77 -3.88 0.32 2.00
CA PHE A 77 -3.77 -1.02 1.42
C PHE A 77 -3.31 -2.03 2.47
N LYS A 78 -3.56 -3.30 2.21
CA LYS A 78 -3.17 -4.34 3.15
C LYS A 78 -1.69 -4.66 3.01
N PHE A 79 -0.97 -4.52 4.10
CA PHE A 79 0.48 -4.78 4.11
C PHE A 79 0.76 -6.28 3.93
N ILE A 80 -0.20 -7.11 4.30
CA ILE A 80 -0.03 -8.55 4.18
C ILE A 80 0.17 -8.96 2.72
N TYR A 81 -0.24 -8.08 1.80
CA TYR A 81 -0.10 -8.34 0.38
C TYR A 81 1.09 -7.57 -0.20
N VAL A 82 1.84 -6.90 0.67
CA VAL A 82 2.98 -6.12 0.22
C VAL A 82 4.18 -6.34 1.13
N ASP A 83 5.38 -6.16 0.59
CA ASP A 83 6.59 -6.34 1.37
C ASP A 83 7.48 -5.10 1.26
N VAL A 84 8.15 -4.74 2.34
CA VAL A 84 9.03 -3.57 2.32
C VAL A 84 10.44 -3.98 1.89
N ILE A 85 11.05 -3.18 1.03
CA ILE A 85 12.39 -3.46 0.54
C ILE A 85 13.35 -2.33 0.90
N SER A 86 14.64 -2.65 0.93
CA SER A 86 15.65 -1.64 1.25
C SER A 86 15.83 -0.67 0.09
N GLU A 87 16.41 0.49 0.38
CA GLU A 87 16.64 1.51 -0.64
C GLU A 87 17.95 2.24 -0.39
N GLY A 25 10.18 3.43 15.95
CA GLY A 25 9.56 4.50 15.10
C GLY A 25 9.24 3.93 13.74
N PRO A 26 8.51 4.67 12.95
CA PRO A 26 8.11 4.24 11.57
C PRO A 26 9.29 4.19 10.62
N PHE A 27 9.18 3.35 9.58
CA PHE A 27 10.25 3.21 8.60
C PHE A 27 9.75 3.57 7.21
N CYS A 28 10.58 4.27 6.44
CA CYS A 28 10.22 4.67 5.09
C CYS A 28 10.99 3.84 4.07
N GLY A 29 10.29 3.38 3.05
CA GLY A 29 10.91 2.57 2.00
C GLY A 29 9.93 2.30 0.86
N ARG A 30 10.15 1.19 0.15
CA ARG A 30 9.27 0.83 -0.96
C ARG A 30 8.55 -0.48 -0.67
N ALA A 31 7.30 -0.56 -1.13
CA ALA A 31 6.50 -1.77 -0.92
C ALA A 31 6.23 -2.47 -2.23
N ARG A 32 6.65 -3.73 -2.31
CA ARG A 32 6.43 -4.53 -3.51
C ARG A 32 5.17 -5.38 -3.36
N VAL A 33 4.23 -5.19 -4.27
CA VAL A 33 2.97 -5.94 -4.22
C VAL A 33 3.19 -7.37 -4.73
N HIS A 34 2.92 -8.34 -3.86
CA HIS A 34 3.09 -9.74 -4.23
C HIS A 34 1.72 -10.39 -4.45
N THR A 35 0.66 -9.73 -3.97
CA THR A 35 -0.68 -10.26 -4.12
C THR A 35 -1.60 -9.22 -4.76
N ASP A 36 -2.50 -9.67 -5.62
CA ASP A 36 -3.40 -8.77 -6.30
C ASP A 36 -4.53 -8.34 -5.36
N PHE A 37 -4.44 -7.11 -4.87
CA PHE A 37 -5.45 -6.57 -3.97
C PHE A 37 -6.16 -5.38 -4.60
N THR A 38 -7.46 -5.54 -4.85
CA THR A 38 -8.24 -4.47 -5.45
C THR A 38 -9.53 -4.23 -4.65
N PRO A 39 -9.88 -2.98 -4.43
CA PRO A 39 -11.09 -2.62 -3.66
C PRO A 39 -12.37 -2.87 -4.45
N SER A 40 -13.49 -2.95 -3.72
CA SER A 40 -14.78 -3.19 -4.36
C SER A 40 -15.21 -1.96 -5.16
N PRO A 41 -16.13 -2.14 -6.07
CA PRO A 41 -16.64 -1.03 -6.92
C PRO A 41 -17.18 0.14 -6.10
N TYR A 42 -17.83 -0.19 -4.98
CA TYR A 42 -18.38 0.84 -4.11
C TYR A 42 -17.33 1.33 -3.12
N ASP A 43 -16.11 0.80 -3.22
CA ASP A 43 -15.03 1.19 -2.35
C ASP A 43 -14.01 2.05 -3.10
N THR A 44 -13.99 3.34 -2.77
CA THR A 44 -13.06 4.26 -3.42
C THR A 44 -11.99 4.73 -2.44
N ASP A 45 -12.34 4.74 -1.15
CA ASP A 45 -11.40 5.17 -0.12
C ASP A 45 -10.18 4.26 -0.09
N SER A 46 -10.41 2.97 -0.27
CA SER A 46 -9.32 2.01 -0.26
C SER A 46 -8.44 2.17 -1.50
N LEU A 47 -7.13 2.01 -1.32
CA LEU A 47 -6.20 2.14 -2.42
C LEU A 47 -6.11 0.84 -3.20
N LYS A 48 -5.97 0.95 -4.53
CA LYS A 48 -5.85 -0.23 -5.38
C LYS A 48 -4.38 -0.52 -5.71
N ILE A 49 -4.01 -1.79 -5.66
CA ILE A 49 -2.63 -2.17 -5.97
C ILE A 49 -2.61 -3.43 -6.83
N LYS A 50 -1.61 -3.53 -7.70
CA LYS A 50 -1.49 -4.69 -8.58
C LYS A 50 -0.17 -5.41 -8.31
N LYS A 51 -0.12 -6.70 -8.64
CA LYS A 51 1.08 -7.48 -8.43
C LYS A 51 2.24 -6.91 -9.25
N GLY A 52 3.31 -6.52 -8.57
CA GLY A 52 4.47 -5.95 -9.24
C GLY A 52 4.54 -4.45 -9.05
N ASP A 53 3.40 -3.83 -8.76
CA ASP A 53 3.35 -2.39 -8.54
C ASP A 53 4.14 -2.00 -7.28
N ILE A 54 4.74 -0.82 -7.31
CA ILE A 54 5.51 -0.33 -6.18
C ILE A 54 4.79 0.80 -5.47
N ILE A 55 4.60 0.65 -4.16
CA ILE A 55 3.91 1.67 -3.38
C ILE A 55 4.90 2.40 -2.47
N ASP A 56 4.87 3.72 -2.52
CA ASP A 56 5.76 4.53 -1.70
C ASP A 56 5.23 4.62 -0.27
N ILE A 57 5.95 4.01 0.67
CA ILE A 57 5.52 4.02 2.06
C ILE A 57 5.57 5.44 2.62
N ILE A 58 4.45 5.88 3.19
CA ILE A 58 4.37 7.23 3.76
C ILE A 58 4.22 7.15 5.27
N CYS A 59 3.20 6.43 5.73
CA CYS A 59 2.96 6.30 7.16
C CYS A 59 2.03 5.12 7.44
N LYS A 60 2.17 4.54 8.63
CA LYS A 60 1.33 3.41 9.01
C LYS A 60 0.23 3.85 9.96
N THR A 61 -0.86 3.08 10.01
CA THR A 61 -1.96 3.42 10.88
C THR A 61 -2.07 2.40 12.02
N PRO A 62 -2.63 2.80 13.13
CA PRO A 62 -2.80 1.92 14.32
C PRO A 62 -3.64 0.68 14.01
N MET A 63 -4.52 0.80 13.02
CA MET A 63 -5.37 -0.32 12.63
C MET A 63 -4.52 -1.46 12.08
N GLY A 64 -3.47 -1.12 11.33
CA GLY A 64 -2.59 -2.13 10.76
C GLY A 64 -2.31 -1.82 9.29
N MET A 65 -3.30 -1.30 8.59
CA MET A 65 -3.15 -0.97 7.18
C MET A 65 -2.07 0.10 6.99
N TRP A 66 -1.36 0.02 5.87
CA TRP A 66 -0.29 0.98 5.58
C TRP A 66 -0.77 2.03 4.58
N THR A 67 -0.19 3.22 4.66
CA THR A 67 -0.54 4.30 3.76
C THR A 67 0.64 4.64 2.86
N GLY A 68 0.36 4.83 1.58
CA GLY A 68 1.41 5.16 0.62
C GLY A 68 0.86 5.92 -0.58
N MET A 69 1.71 6.17 -1.56
CA MET A 69 1.31 6.90 -2.76
C MET A 69 1.46 6.01 -4.00
N LEU A 70 0.50 6.14 -4.91
CA LEU A 70 0.53 5.36 -6.15
C LEU A 70 -0.01 6.19 -7.32
N ASN A 71 0.88 6.55 -8.23
CA ASN A 71 0.49 7.32 -9.40
C ASN A 71 -0.25 8.59 -8.96
N ASN A 72 0.39 9.37 -8.09
CA ASN A 72 -0.21 10.59 -7.60
C ASN A 72 -1.52 10.29 -6.89
N LYS A 73 -1.63 9.10 -6.32
CA LYS A 73 -2.83 8.70 -5.60
C LYS A 73 -2.48 8.06 -4.26
N VAL A 74 -2.82 8.74 -3.18
CA VAL A 74 -2.52 8.23 -1.85
C VAL A 74 -3.74 7.57 -1.23
N GLY A 75 -3.52 6.49 -0.48
CA GLY A 75 -4.62 5.78 0.15
C GLY A 75 -4.09 4.67 1.06
N ASN A 76 -5.01 3.87 1.59
CA ASN A 76 -4.63 2.76 2.48
C ASN A 76 -4.66 1.44 1.74
N PHE A 77 -3.79 0.52 2.15
CA PHE A 77 -3.71 -0.79 1.53
C PHE A 77 -3.29 -1.86 2.54
N LYS A 78 -3.56 -3.12 2.21
CA LYS A 78 -3.22 -4.21 3.11
C LYS A 78 -1.75 -4.59 2.95
N PHE A 79 -0.98 -4.37 4.01
CA PHE A 79 0.45 -4.69 3.97
C PHE A 79 0.65 -6.19 3.80
N ILE A 80 -0.34 -6.98 4.21
CA ILE A 80 -0.24 -8.42 4.10
C ILE A 80 -0.05 -8.85 2.64
N TYR A 81 -0.60 -8.06 1.73
CA TYR A 81 -0.49 -8.35 0.31
C TYR A 81 0.70 -7.63 -0.30
N VAL A 82 1.50 -6.96 0.53
CA VAL A 82 2.67 -6.23 0.06
C VAL A 82 3.89 -6.58 0.90
N ASP A 83 5.07 -6.40 0.33
CA ASP A 83 6.31 -6.67 1.03
C ASP A 83 7.20 -5.43 1.05
N VAL A 84 7.85 -5.19 2.19
CA VAL A 84 8.73 -4.03 2.31
C VAL A 84 10.17 -4.41 1.98
N ILE A 85 10.88 -3.49 1.33
CA ILE A 85 12.27 -3.74 0.97
C ILE A 85 13.16 -2.59 1.43
N SER A 86 14.45 -2.86 1.55
CA SER A 86 15.41 -1.84 1.98
C SER A 86 16.25 -1.37 0.81
N GLU A 87 16.86 -0.20 0.96
CA GLU A 87 17.70 0.35 -0.09
C GLU A 87 18.59 1.46 0.46
N GLY A 25 10.21 -0.27 15.66
CA GLY A 25 9.70 1.12 15.46
C GLY A 25 9.28 1.31 14.00
N PRO A 26 8.93 2.51 13.64
CA PRO A 26 8.51 2.84 12.24
C PRO A 26 9.68 2.78 11.27
N PHE A 27 9.38 2.41 10.03
CA PHE A 27 10.42 2.31 9.00
C PHE A 27 9.93 2.89 7.69
N CYS A 28 10.74 3.76 7.10
CA CYS A 28 10.37 4.39 5.83
C CYS A 28 11.19 3.78 4.70
N GLY A 29 10.50 3.45 3.61
CA GLY A 29 11.18 2.87 2.45
C GLY A 29 10.21 2.66 1.30
N ARG A 30 10.41 1.57 0.55
CA ARG A 30 9.55 1.27 -0.58
C ARG A 30 8.82 -0.05 -0.37
N ALA A 31 7.57 -0.11 -0.81
CA ALA A 31 6.79 -1.33 -0.66
C ALA A 31 6.42 -1.90 -2.02
N ARG A 32 6.54 -3.22 -2.15
CA ARG A 32 6.22 -3.88 -3.40
C ARG A 32 5.05 -4.83 -3.21
N VAL A 33 4.09 -4.78 -4.12
CA VAL A 33 2.91 -5.62 -4.01
C VAL A 33 3.17 -7.03 -4.55
N HIS A 34 2.85 -8.03 -3.75
CA HIS A 34 3.04 -9.42 -4.16
C HIS A 34 1.71 -10.11 -4.41
N THR A 35 0.62 -9.54 -3.91
CA THR A 35 -0.69 -10.13 -4.08
C THR A 35 -1.61 -9.17 -4.82
N ASP A 36 -2.80 -9.64 -5.16
CA ASP A 36 -3.75 -8.80 -5.87
C ASP A 36 -4.81 -8.25 -4.91
N PHE A 37 -4.73 -6.94 -4.62
CA PHE A 37 -5.71 -6.32 -3.72
C PHE A 37 -6.48 -5.24 -4.47
N THR A 38 -7.76 -5.50 -4.75
CA THR A 38 -8.57 -4.53 -5.45
C THR A 38 -9.88 -4.25 -4.69
N PRO A 39 -10.21 -3.00 -4.44
CA PRO A 39 -11.46 -2.64 -3.73
C PRO A 39 -12.70 -2.80 -4.60
N SER A 40 -13.87 -2.82 -3.96
CA SER A 40 -15.12 -2.96 -4.69
C SER A 40 -15.44 -1.69 -5.49
N PRO A 41 -16.27 -1.80 -6.50
CA PRO A 41 -16.65 -0.63 -7.34
C PRO A 41 -17.20 0.53 -6.52
N TYR A 42 -17.92 0.20 -5.45
CA TYR A 42 -18.49 1.22 -4.58
C TYR A 42 -17.53 1.59 -3.45
N ASP A 43 -16.32 1.01 -3.48
CA ASP A 43 -15.32 1.29 -2.44
C ASP A 43 -14.20 2.14 -3.02
N THR A 44 -14.10 3.38 -2.56
CA THR A 44 -13.05 4.28 -3.03
C THR A 44 -12.07 4.60 -1.91
N ASP A 45 -12.51 4.39 -0.67
CA ASP A 45 -11.66 4.66 0.49
C ASP A 45 -10.42 3.79 0.46
N SER A 46 -10.60 2.54 0.05
CA SER A 46 -9.48 1.60 -0.03
C SER A 46 -8.67 1.82 -1.29
N LEU A 47 -7.35 1.65 -1.20
CA LEU A 47 -6.48 1.85 -2.34
C LEU A 47 -6.46 0.61 -3.23
N LYS A 48 -6.37 0.83 -4.54
CA LYS A 48 -6.33 -0.28 -5.49
C LYS A 48 -4.88 -0.57 -5.91
N ILE A 49 -4.42 -1.78 -5.62
CA ILE A 49 -3.06 -2.16 -5.96
C ILE A 49 -3.00 -3.60 -6.48
N LYS A 50 -1.95 -3.92 -7.22
CA LYS A 50 -1.80 -5.26 -7.77
C LYS A 50 -0.33 -5.67 -7.76
N LYS A 51 -0.09 -6.97 -7.93
CA LYS A 51 1.28 -7.48 -7.94
C LYS A 51 2.07 -6.86 -9.08
N GLY A 52 3.25 -6.34 -8.75
CA GLY A 52 4.12 -5.72 -9.74
C GLY A 52 4.19 -4.21 -9.54
N ASP A 53 3.19 -3.65 -8.86
CA ASP A 53 3.17 -2.21 -8.61
C ASP A 53 4.00 -1.87 -7.37
N ILE A 54 4.61 -0.70 -7.38
CA ILE A 54 5.43 -0.26 -6.25
C ILE A 54 4.77 0.93 -5.55
N ILE A 55 4.63 0.82 -4.23
CA ILE A 55 4.01 1.87 -3.44
C ILE A 55 5.03 2.54 -2.52
N ASP A 56 5.10 3.86 -2.59
CA ASP A 56 6.04 4.59 -1.74
C ASP A 56 5.48 4.72 -0.33
N ILE A 57 6.26 4.27 0.66
CA ILE A 57 5.81 4.33 2.04
C ILE A 57 5.78 5.77 2.53
N ILE A 58 4.61 6.19 3.00
CA ILE A 58 4.45 7.55 3.50
C ILE A 58 4.36 7.55 5.02
N CYS A 59 3.46 6.72 5.55
CA CYS A 59 3.28 6.64 6.99
C CYS A 59 2.43 5.43 7.38
N LYS A 60 2.61 4.95 8.59
CA LYS A 60 1.83 3.81 9.06
C LYS A 60 0.55 4.28 9.74
N THR A 61 -0.57 3.63 9.42
CA THR A 61 -1.86 4.02 9.99
C THR A 61 -2.51 2.83 10.72
N PRO A 62 -3.26 3.08 11.78
CA PRO A 62 -3.95 2.00 12.55
C PRO A 62 -4.77 1.09 11.66
N MET A 63 -5.58 0.23 12.28
CA MET A 63 -6.40 -0.71 11.54
C MET A 63 -5.53 -1.70 10.76
N GLY A 64 -4.25 -1.75 11.12
CA GLY A 64 -3.34 -2.67 10.45
C GLY A 64 -3.18 -2.31 8.98
N MET A 65 -3.16 -1.01 8.68
CA MET A 65 -3.02 -0.59 7.29
C MET A 65 -1.86 0.39 7.12
N TRP A 66 -1.27 0.39 5.94
CA TRP A 66 -0.16 1.28 5.65
C TRP A 66 -0.58 2.34 4.63
N THR A 67 0.02 3.54 4.75
CA THR A 67 -0.29 4.63 3.84
C THR A 67 0.86 4.81 2.86
N GLY A 68 0.53 4.90 1.58
CA GLY A 68 1.54 5.06 0.55
C GLY A 68 0.96 5.71 -0.70
N MET A 69 1.79 5.84 -1.73
CA MET A 69 1.35 6.46 -2.97
C MET A 69 1.54 5.50 -4.15
N LEU A 70 0.55 5.45 -5.03
CA LEU A 70 0.61 4.59 -6.20
C LEU A 70 -0.04 5.27 -7.39
N ASN A 71 0.72 5.43 -8.47
CA ASN A 71 0.20 6.07 -9.69
C ASN A 71 -0.42 7.43 -9.34
N ASN A 72 0.31 8.24 -8.57
CA ASN A 72 -0.20 9.55 -8.18
C ASN A 72 -1.48 9.41 -7.40
N LYS A 73 -1.63 8.29 -6.69
CA LYS A 73 -2.82 8.04 -5.88
C LYS A 73 -2.43 7.63 -4.47
N VAL A 74 -2.75 8.45 -3.49
CA VAL A 74 -2.42 8.14 -2.10
C VAL A 74 -3.61 7.50 -1.40
N GLY A 75 -3.38 6.32 -0.82
CA GLY A 75 -4.45 5.61 -0.12
C GLY A 75 -3.87 4.58 0.85
N ASN A 76 -4.77 3.87 1.54
CA ASN A 76 -4.35 2.87 2.51
C ASN A 76 -4.39 1.47 1.90
N PHE A 77 -3.51 0.59 2.37
CA PHE A 77 -3.46 -0.77 1.88
C PHE A 77 -2.92 -1.71 2.96
N LYS A 78 -3.21 -3.00 2.82
CA LYS A 78 -2.75 -3.98 3.79
C LYS A 78 -1.28 -4.33 3.56
N PHE A 79 -0.45 -4.01 4.54
CA PHE A 79 0.98 -4.30 4.44
C PHE A 79 1.22 -5.81 4.30
N ILE A 80 0.28 -6.60 4.80
CA ILE A 80 0.41 -8.06 4.72
C ILE A 80 0.43 -8.52 3.26
N TYR A 81 -0.07 -7.66 2.36
CA TYR A 81 -0.09 -7.98 0.94
C TYR A 81 1.07 -7.28 0.22
N VAL A 82 1.92 -6.59 0.98
CA VAL A 82 3.05 -5.88 0.40
C VAL A 82 4.34 -6.18 1.18
N ASP A 83 5.47 -6.00 0.53
CA ASP A 83 6.76 -6.26 1.17
C ASP A 83 7.59 -4.98 1.17
N VAL A 84 8.18 -4.66 2.32
CA VAL A 84 9.00 -3.46 2.43
C VAL A 84 10.44 -3.76 2.03
N ILE A 85 11.03 -2.85 1.27
CA ILE A 85 12.41 -3.01 0.81
C ILE A 85 13.23 -1.76 1.10
N SER A 86 14.55 -1.91 1.14
CA SER A 86 15.43 -0.78 1.40
C SER A 86 16.26 -0.46 0.16
N GLU A 87 16.52 0.83 -0.05
CA GLU A 87 17.30 1.27 -1.20
C GLU A 87 18.14 2.50 -0.84
N GLY A 25 9.19 4.34 15.99
CA GLY A 25 10.22 4.76 15.00
C GLY A 25 9.77 4.35 13.60
N PRO A 26 8.84 5.07 13.04
CA PRO A 26 8.30 4.78 11.68
C PRO A 26 9.39 4.84 10.61
N PHE A 27 9.27 3.99 9.60
CA PHE A 27 10.25 3.94 8.53
C PHE A 27 9.59 4.25 7.19
N CYS A 28 10.35 4.88 6.28
CA CYS A 28 9.82 5.22 4.98
C CYS A 28 10.70 4.66 3.87
N GLY A 29 10.08 4.33 2.74
CA GLY A 29 10.82 3.76 1.61
C GLY A 29 9.86 3.27 0.53
N ARG A 30 10.26 2.22 -0.18
CA ARG A 30 9.42 1.67 -1.23
C ARG A 30 8.92 0.28 -0.85
N ALA A 31 7.67 -0.01 -1.22
CA ALA A 31 7.08 -1.31 -0.90
C ALA A 31 6.73 -2.06 -2.18
N ARG A 32 7.14 -3.33 -2.26
CA ARG A 32 6.85 -4.14 -3.42
C ARG A 32 5.62 -5.02 -3.18
N VAL A 33 4.61 -4.85 -4.02
CA VAL A 33 3.38 -5.62 -3.89
C VAL A 33 3.54 -6.99 -4.53
N HIS A 34 3.19 -8.04 -3.78
CA HIS A 34 3.29 -9.40 -4.29
C HIS A 34 1.90 -10.02 -4.44
N THR A 35 0.87 -9.21 -4.28
CA THR A 35 -0.50 -9.68 -4.40
C THR A 35 -1.35 -8.71 -5.19
N ASP A 36 -2.53 -9.14 -5.59
CA ASP A 36 -3.43 -8.28 -6.36
C ASP A 36 -4.63 -7.87 -5.49
N PHE A 37 -4.62 -6.62 -5.02
CA PHE A 37 -5.71 -6.12 -4.20
C PHE A 37 -6.40 -4.95 -4.88
N THR A 38 -7.69 -5.10 -5.14
CA THR A 38 -8.46 -4.04 -5.80
C THR A 38 -9.62 -3.61 -4.92
N PRO A 39 -10.05 -2.37 -5.05
CA PRO A 39 -11.17 -1.82 -4.26
C PRO A 39 -12.53 -2.30 -4.75
N SER A 40 -13.50 -2.33 -3.85
CA SER A 40 -14.85 -2.77 -4.21
C SER A 40 -15.54 -1.69 -5.04
N PRO A 41 -16.52 -2.08 -5.81
CA PRO A 41 -17.29 -1.13 -6.67
C PRO A 41 -17.87 0.03 -5.88
N TYR A 42 -18.35 -0.26 -4.68
CA TYR A 42 -18.91 0.79 -3.83
C TYR A 42 -17.84 1.34 -2.88
N ASP A 43 -16.61 0.87 -3.05
CA ASP A 43 -15.51 1.32 -2.21
C ASP A 43 -14.50 2.12 -3.05
N THR A 44 -14.32 3.38 -2.71
CA THR A 44 -13.37 4.23 -3.43
C THR A 44 -12.19 4.60 -2.53
N ASP A 45 -12.42 4.58 -1.22
CA ASP A 45 -11.37 4.93 -0.28
C ASP A 45 -10.20 3.94 -0.38
N SER A 46 -10.52 2.67 -0.59
CA SER A 46 -9.51 1.64 -0.71
C SER A 46 -8.60 1.92 -1.91
N LEU A 47 -7.31 1.64 -1.74
CA LEU A 47 -6.36 1.86 -2.81
C LEU A 47 -6.23 0.62 -3.68
N LYS A 48 -6.07 0.82 -5.00
CA LYS A 48 -5.91 -0.30 -5.91
C LYS A 48 -4.43 -0.58 -6.17
N ILE A 49 -4.00 -1.80 -5.87
CA ILE A 49 -2.61 -2.19 -6.07
C ILE A 49 -2.52 -3.51 -6.81
N LYS A 50 -1.40 -3.72 -7.49
CA LYS A 50 -1.20 -4.96 -8.23
C LYS A 50 0.22 -5.49 -8.04
N LYS A 51 0.42 -6.76 -8.30
CA LYS A 51 1.73 -7.37 -8.17
C LYS A 51 2.72 -6.79 -9.17
N GLY A 52 3.90 -6.41 -8.68
CA GLY A 52 4.92 -5.84 -9.55
C GLY A 52 4.99 -4.32 -9.39
N ASP A 53 3.92 -3.74 -8.85
CA ASP A 53 3.88 -2.29 -8.64
C ASP A 53 4.60 -1.93 -7.34
N ILE A 54 5.13 -0.71 -7.29
CA ILE A 54 5.83 -0.24 -6.10
C ILE A 54 5.11 0.95 -5.49
N ILE A 55 4.91 0.92 -4.18
CA ILE A 55 4.23 2.00 -3.49
C ILE A 55 5.15 2.67 -2.47
N ASP A 56 5.14 4.00 -2.47
CA ASP A 56 5.99 4.75 -1.53
C ASP A 56 5.31 4.81 -0.16
N ILE A 57 6.03 4.33 0.86
CA ILE A 57 5.49 4.33 2.22
C ILE A 57 5.48 5.74 2.79
N ILE A 58 4.30 6.19 3.23
CA ILE A 58 4.18 7.52 3.81
C ILE A 58 3.99 7.44 5.31
N CYS A 59 3.31 6.38 5.76
CA CYS A 59 3.06 6.19 7.19
C CYS A 59 2.36 4.86 7.45
N LYS A 60 2.17 4.54 8.71
CA LYS A 60 1.50 3.29 9.08
C LYS A 60 0.33 3.56 10.01
N THR A 61 -0.68 2.69 9.97
CA THR A 61 -1.85 2.85 10.80
C THR A 61 -1.83 1.87 11.96
N PRO A 62 -2.47 2.21 13.05
CA PRO A 62 -2.53 1.33 14.26
C PRO A 62 -3.13 -0.04 13.95
N MET A 63 -4.10 -0.07 13.04
CA MET A 63 -4.75 -1.32 12.66
C MET A 63 -3.73 -2.28 12.05
N GLY A 64 -2.80 -1.73 11.28
CA GLY A 64 -1.78 -2.54 10.63
C GLY A 64 -1.67 -2.19 9.15
N MET A 65 -2.75 -1.67 8.58
CA MET A 65 -2.76 -1.30 7.17
C MET A 65 -1.72 -0.21 6.90
N TRP A 66 -1.03 -0.32 5.78
CA TRP A 66 0.00 0.64 5.41
C TRP A 66 -0.56 1.70 4.47
N THR A 67 -0.02 2.92 4.57
CA THR A 67 -0.47 4.01 3.72
C THR A 67 0.69 4.53 2.89
N GLY A 68 0.42 4.85 1.63
CA GLY A 68 1.47 5.35 0.74
C GLY A 68 0.86 5.99 -0.51
N MET A 69 1.71 6.27 -1.49
CA MET A 69 1.25 6.88 -2.73
C MET A 69 1.48 5.94 -3.91
N LEU A 70 0.47 5.83 -4.77
CA LEU A 70 0.57 4.97 -5.94
C LEU A 70 0.02 5.68 -7.17
N ASN A 71 0.90 5.99 -8.12
CA ASN A 71 0.48 6.65 -9.35
C ASN A 71 -0.27 7.93 -9.04
N ASN A 72 0.36 8.81 -8.27
CA ASN A 72 -0.26 10.08 -7.91
C ASN A 72 -1.59 9.85 -7.19
N LYS A 73 -1.70 8.72 -6.50
CA LYS A 73 -2.92 8.41 -5.76
C LYS A 73 -2.58 7.79 -4.42
N VAL A 74 -2.89 8.50 -3.35
CA VAL A 74 -2.61 8.01 -2.00
C VAL A 74 -3.82 7.31 -1.41
N GLY A 75 -3.59 6.25 -0.65
CA GLY A 75 -4.67 5.50 -0.03
C GLY A 75 -4.14 4.45 0.94
N ASN A 76 -5.03 3.62 1.45
CA ASN A 76 -4.64 2.59 2.40
C ASN A 76 -4.79 1.20 1.77
N PHE A 77 -4.03 0.24 2.28
CA PHE A 77 -4.09 -1.13 1.76
C PHE A 77 -3.62 -2.12 2.83
N LYS A 78 -4.04 -3.38 2.67
CA LYS A 78 -3.67 -4.41 3.63
C LYS A 78 -2.15 -4.63 3.60
N PHE A 79 -1.56 -4.67 4.79
CA PHE A 79 -0.12 -4.85 4.91
C PHE A 79 0.29 -6.25 4.45
N ILE A 80 -0.68 -7.17 4.44
CA ILE A 80 -0.41 -8.54 4.02
C ILE A 80 -0.34 -8.63 2.50
N TYR A 81 -1.05 -7.72 1.83
CA TYR A 81 -1.07 -7.69 0.38
C TYR A 81 0.14 -6.92 -0.17
N VAL A 82 0.98 -6.44 0.74
CA VAL A 82 2.16 -5.69 0.34
C VAL A 82 3.36 -6.08 1.19
N ASP A 83 4.56 -5.85 0.67
CA ASP A 83 5.78 -6.18 1.41
C ASP A 83 6.75 -5.00 1.38
N VAL A 84 7.52 -4.85 2.45
CA VAL A 84 8.49 -3.77 2.54
C VAL A 84 9.79 -4.15 1.84
N ILE A 85 10.29 -3.25 0.98
CA ILE A 85 11.50 -3.52 0.24
C ILE A 85 12.73 -3.07 1.03
N SER A 86 13.57 -4.03 1.40
CA SER A 86 14.76 -3.73 2.16
C SER A 86 15.87 -3.21 1.24
N GLU A 87 16.89 -2.61 1.83
CA GLU A 87 18.01 -2.08 1.05
C GLU A 87 18.78 -3.20 0.37
N GLY A 25 10.22 5.60 16.28
CA GLY A 25 9.13 6.33 15.56
C GLY A 25 8.88 5.65 14.21
N PRO A 26 8.02 6.22 13.41
CA PRO A 26 7.68 5.68 12.06
C PRO A 26 8.91 5.58 11.15
N PHE A 27 8.91 4.59 10.28
CA PHE A 27 10.03 4.39 9.36
C PHE A 27 9.55 4.51 7.91
N CYS A 28 10.47 4.91 7.03
CA CYS A 28 10.13 5.06 5.63
C CYS A 28 10.94 4.09 4.78
N GLY A 29 10.30 3.52 3.77
CA GLY A 29 10.96 2.55 2.89
C GLY A 29 10.13 2.29 1.65
N ARG A 30 10.44 1.19 0.95
CA ARG A 30 9.72 0.84 -0.26
C ARG A 30 9.04 -0.52 -0.11
N ALA A 31 7.89 -0.68 -0.75
CA ALA A 31 7.16 -1.94 -0.68
C ALA A 31 6.68 -2.36 -2.07
N ARG A 32 6.49 -3.66 -2.24
CA ARG A 32 6.04 -4.20 -3.52
C ARG A 32 4.86 -5.15 -3.32
N VAL A 33 3.99 -5.20 -4.32
CA VAL A 33 2.82 -6.06 -4.25
C VAL A 33 3.12 -7.47 -4.72
N HIS A 34 2.76 -8.46 -3.90
CA HIS A 34 2.99 -9.86 -4.26
C HIS A 34 1.73 -10.49 -4.84
N THR A 35 0.57 -9.86 -4.62
CA THR A 35 -0.68 -10.39 -5.14
C THR A 35 -1.59 -9.25 -5.56
N ASP A 36 -2.33 -9.45 -6.64
CA ASP A 36 -3.23 -8.41 -7.13
C ASP A 36 -4.31 -8.11 -6.10
N PHE A 37 -4.34 -6.87 -5.61
CA PHE A 37 -5.33 -6.46 -4.64
C PHE A 37 -6.13 -5.28 -5.19
N THR A 38 -7.39 -5.51 -5.51
CA THR A 38 -8.23 -4.46 -6.04
C THR A 38 -9.55 -4.39 -5.26
N PRO A 39 -9.64 -3.54 -4.25
CA PRO A 39 -10.88 -3.41 -3.42
C PRO A 39 -12.11 -3.12 -4.28
N SER A 40 -13.28 -3.53 -3.78
CA SER A 40 -14.52 -3.33 -4.52
C SER A 40 -14.75 -1.84 -4.77
N PRO A 41 -15.50 -1.51 -5.81
CA PRO A 41 -15.78 -0.08 -6.17
C PRO A 41 -16.43 0.69 -5.02
N TYR A 42 -17.11 -0.04 -4.13
CA TYR A 42 -17.76 0.58 -2.99
C TYR A 42 -16.72 1.18 -2.04
N ASP A 43 -15.48 0.72 -2.15
CA ASP A 43 -14.41 1.23 -1.30
C ASP A 43 -13.63 2.32 -2.03
N THR A 44 -14.32 3.39 -2.40
CA THR A 44 -13.67 4.49 -3.11
C THR A 44 -12.57 5.11 -2.24
N ASP A 45 -12.63 4.84 -0.94
CA ASP A 45 -11.63 5.37 -0.01
C ASP A 45 -10.45 4.41 0.14
N SER A 46 -10.42 3.36 -0.67
CA SER A 46 -9.34 2.38 -0.60
C SER A 46 -8.42 2.54 -1.81
N LEU A 47 -7.12 2.31 -1.58
CA LEU A 47 -6.13 2.43 -2.65
C LEU A 47 -6.10 1.15 -3.49
N LYS A 48 -5.93 1.31 -4.79
CA LYS A 48 -5.87 0.16 -5.69
C LYS A 48 -4.42 -0.17 -6.01
N ILE A 49 -4.03 -1.44 -5.80
CA ILE A 49 -2.67 -1.85 -6.07
C ILE A 49 -2.66 -3.15 -6.89
N LYS A 50 -1.64 -3.30 -7.74
CA LYS A 50 -1.53 -4.49 -8.58
C LYS A 50 -0.20 -5.20 -8.33
N LYS A 51 -0.18 -6.50 -8.56
CA LYS A 51 1.02 -7.29 -8.35
C LYS A 51 2.19 -6.75 -9.19
N GLY A 52 3.31 -6.52 -8.51
CA GLY A 52 4.50 -6.01 -9.19
C GLY A 52 4.66 -4.51 -8.98
N ASP A 53 3.58 -3.85 -8.58
CA ASP A 53 3.63 -2.41 -8.34
C ASP A 53 4.40 -2.11 -7.06
N ILE A 54 5.13 -0.99 -7.06
CA ILE A 54 5.90 -0.59 -5.88
C ILE A 54 5.30 0.68 -5.27
N ILE A 55 5.06 0.64 -3.97
CA ILE A 55 4.47 1.78 -3.27
C ILE A 55 5.38 2.24 -2.13
N ASP A 56 5.68 3.53 -2.11
CA ASP A 56 6.51 4.09 -1.05
C ASP A 56 5.72 4.24 0.24
N ILE A 57 6.31 3.82 1.35
CA ILE A 57 5.63 3.91 2.64
C ILE A 57 5.56 5.37 3.09
N ILE A 58 4.37 5.96 2.95
CA ILE A 58 4.17 7.36 3.33
C ILE A 58 3.75 7.44 4.80
N CYS A 59 2.99 6.45 5.26
CA CYS A 59 2.52 6.44 6.63
C CYS A 59 1.94 5.07 6.98
N LYS A 60 1.84 4.79 8.28
CA LYS A 60 1.28 3.52 8.72
C LYS A 60 0.05 3.75 9.59
N THR A 61 -0.93 2.87 9.49
CA THR A 61 -2.14 3.04 10.27
C THR A 61 -2.12 2.09 11.49
N PRO A 62 -2.49 2.55 12.68
CA PRO A 62 -2.50 1.69 13.90
C PRO A 62 -3.38 0.45 13.75
N MET A 63 -4.38 0.54 12.88
CA MET A 63 -5.28 -0.58 12.64
C MET A 63 -4.51 -1.77 12.08
N GLY A 64 -3.54 -1.49 11.21
CA GLY A 64 -2.74 -2.54 10.61
C GLY A 64 -2.43 -2.22 9.15
N MET A 65 -3.43 -1.70 8.44
CA MET A 65 -3.24 -1.38 7.02
C MET A 65 -2.21 -0.27 6.84
N TRP A 66 -1.43 -0.38 5.77
CA TRP A 66 -0.40 0.60 5.48
C TRP A 66 -0.88 1.66 4.49
N THR A 67 -0.23 2.81 4.54
CA THR A 67 -0.59 3.92 3.65
C THR A 67 0.58 4.26 2.73
N GLY A 68 0.28 4.53 1.47
CA GLY A 68 1.31 4.87 0.51
C GLY A 68 0.74 5.69 -0.65
N MET A 69 1.59 5.97 -1.64
CA MET A 69 1.17 6.75 -2.79
C MET A 69 1.38 5.95 -4.08
N LEU A 70 0.44 6.08 -5.01
CA LEU A 70 0.52 5.37 -6.27
C LEU A 70 -0.16 6.19 -7.39
N ASN A 71 0.61 6.53 -8.41
CA ASN A 71 0.07 7.30 -9.53
C ASN A 71 -0.65 8.54 -9.01
N ASN A 72 0.01 9.28 -8.13
CA ASN A 72 -0.59 10.49 -7.56
C ASN A 72 -1.86 10.14 -6.80
N LYS A 73 -1.88 8.98 -6.16
CA LYS A 73 -3.04 8.55 -5.40
C LYS A 73 -2.60 8.01 -4.04
N VAL A 74 -3.00 8.68 -2.97
CA VAL A 74 -2.62 8.24 -1.63
C VAL A 74 -3.82 7.60 -0.92
N GLY A 75 -3.60 6.40 -0.38
CA GLY A 75 -4.68 5.69 0.31
C GLY A 75 -4.14 4.53 1.13
N ASN A 76 -5.04 3.72 1.67
CA ASN A 76 -4.65 2.58 2.48
C ASN A 76 -4.74 1.28 1.68
N PHE A 77 -3.93 0.31 2.09
CA PHE A 77 -3.91 -0.99 1.42
C PHE A 77 -3.54 -2.09 2.40
N LYS A 78 -3.87 -3.33 2.05
CA LYS A 78 -3.58 -4.47 2.91
C LYS A 78 -2.08 -4.73 2.96
N PHE A 79 -1.49 -4.49 4.12
CA PHE A 79 -0.06 -4.70 4.30
C PHE A 79 0.31 -6.16 4.08
N ILE A 80 -0.66 -7.05 4.26
CA ILE A 80 -0.41 -8.48 4.08
C ILE A 80 -0.03 -8.77 2.62
N TYR A 81 -0.71 -8.08 1.71
CA TYR A 81 -0.45 -8.27 0.28
C TYR A 81 0.72 -7.40 -0.19
N VAL A 82 1.34 -6.67 0.74
CA VAL A 82 2.46 -5.82 0.42
C VAL A 82 3.67 -6.14 1.30
N ASP A 83 4.85 -6.19 0.69
CA ASP A 83 6.06 -6.50 1.44
C ASP A 83 7.10 -5.39 1.25
N VAL A 84 7.92 -5.17 2.26
CA VAL A 84 8.94 -4.13 2.17
C VAL A 84 10.24 -4.71 1.62
N ILE A 85 10.89 -3.95 0.76
CA ILE A 85 12.15 -4.39 0.17
C ILE A 85 13.28 -3.40 0.48
N SER A 86 14.50 -3.93 0.57
CA SER A 86 15.66 -3.10 0.87
C SER A 86 16.30 -2.59 -0.42
N GLU A 87 17.25 -1.68 -0.28
CA GLU A 87 17.94 -1.11 -1.43
C GLU A 87 19.02 -0.12 -1.00
#